data_8JG2
#
_entry.id   8JG2
#
_cell.length_a   51.505
_cell.length_b   111.443
_cell.length_c   140.996
_cell.angle_alpha   90.00
_cell.angle_beta   90.00
_cell.angle_gamma   90.00
#
_symmetry.space_group_name_H-M   'P 2 21 21'
#
loop_
_entity.id
_entity.type
_entity.pdbx_description
1 polymer 'Acetyl-CoA C-acetyltransferase'
2 non-polymer 'COENZYME A'
3 non-polymer 'ACETATE ION'
4 water water
#
_entity_poly.entity_id   1
_entity_poly.type   'polypeptide(L)'
_entity_poly.pdbx_seq_one_letter_code
;MSYYHHHHHHDYDIPTTENLYFQGHMKNVVIVSAARTPIGSFNGQFKDVTAVQLGIVAVKAAIERAKVPVDQIDEVIMGH
VLTAGCGENTARQVALHSGIPQEVPAFTINKLSGSGLRAVSLGAQQIELGDADCVIVGGMESMSNAPYVIAKARRGYRMG
NGVLEDTMLRDGLVCTENGYHMGVTAENIASRFGVTRQQQDECAYNSQMRAAKAQAEGKFDAQIAPVTIHNRKKGDIVIT
KDEHIRPETTLEGLAKLKPAFTKDGTVTAGNASGINDAACALVLMSKKKAEELGIKPIAEILDWASAGVEPAIMGTGPIP
ACHKLFKKTGLKMEDFELVELNEAFAAQAVYCCQQLGADMSKTNIYGSGISLGHPVGCSGARILTTLLYALAEPGRNGSR
YGLASLCIGGGQGTAVAIKMCLEACGTKLGCFGG
;
_entity_poly.pdbx_strand_id   A,B
#
loop_
_chem_comp.id
_chem_comp.type
_chem_comp.name
_chem_comp.formula
ACT non-polymer 'ACETATE ION' 'C2 H3 O2 -1'
COA non-polymer 'COENZYME A' 'C21 H36 N7 O16 P3 S'
#
# COMPACT_ATOMS: atom_id res chain seq x y z
N HIS A 25 -15.21 20.30 -1.69
CA HIS A 25 -14.88 19.21 -0.71
C HIS A 25 -15.82 18.03 -0.95
N MET A 26 -15.53 16.90 -0.31
N MET A 26 -15.54 16.91 -0.30
CA MET A 26 -16.34 15.70 -0.48
CA MET A 26 -16.35 15.72 -0.49
C MET A 26 -17.73 15.94 0.10
C MET A 26 -17.74 15.94 0.10
N LYS A 27 -18.76 15.48 -0.61
CA LYS A 27 -20.15 15.74 -0.24
C LYS A 27 -20.89 14.44 0.10
N ASN A 28 -20.27 13.28 -0.11
CA ASN A 28 -21.04 12.03 -0.09
C ASN A 28 -20.42 10.98 0.85
N VAL A 29 -19.42 11.36 1.66
CA VAL A 29 -18.69 10.37 2.47
C VAL A 29 -18.96 10.58 3.95
N VAL A 30 -19.50 9.53 4.57
CA VAL A 30 -19.69 9.52 6.04
C VAL A 30 -18.96 8.35 6.70
N ILE A 31 -18.48 8.59 7.95
CA ILE A 31 -18.05 7.57 8.89
C ILE A 31 -19.28 7.10 9.67
N VAL A 32 -19.55 5.79 9.70
CA VAL A 32 -20.72 5.25 10.38
C VAL A 32 -20.30 4.47 11.66
N SER A 33 -19.01 4.15 11.78
CA SER A 33 -18.50 3.49 12.98
C SER A 33 -16.97 3.56 13.02
N ALA A 34 -16.41 3.37 14.24
CA ALA A 34 -14.98 3.27 14.43
C ALA A 34 -14.69 2.41 15.67
N ALA A 35 -13.56 1.70 15.63
CA ALA A 35 -13.13 0.93 16.80
C ALA A 35 -11.61 0.83 16.78
N ARG A 36 -10.97 0.79 17.99
CA ARG A 36 -9.55 0.46 18.06
C ARG A 36 -9.34 -0.59 19.15
N THR A 37 -8.30 -1.41 18.97
CA THR A 37 -7.80 -2.23 20.07
C THR A 37 -7.24 -1.28 21.11
N PRO A 38 -7.09 -1.73 22.36
CA PRO A 38 -6.17 -1.02 23.27
C PRO A 38 -4.77 -1.00 22.66
N ILE A 39 -3.89 -0.12 23.15
CA ILE A 39 -2.56 0.00 22.59
C ILE A 39 -1.58 -0.70 23.53
N GLY A 40 -0.94 -1.77 23.05
CA GLY A 40 0.02 -2.52 23.85
C GLY A 40 1.37 -1.80 23.84
N SER A 41 2.18 -2.00 24.91
CA SER A 41 3.57 -1.59 24.88
C SER A 41 4.44 -2.60 24.12
N PHE A 42 5.62 -2.14 23.74
CA PHE A 42 6.63 -2.95 23.09
C PHE A 42 6.85 -4.19 23.93
N ASN A 43 6.82 -5.35 23.26
CA ASN A 43 7.10 -6.63 23.90
C ASN A 43 6.20 -6.83 25.11
N GLY A 44 5.02 -6.21 25.07
CA GLY A 44 4.08 -6.20 26.19
C GLY A 44 2.88 -7.13 25.98
N GLN A 45 1.69 -6.59 26.34
CA GLN A 45 0.47 -7.38 26.48
C GLN A 45 0.06 -8.04 25.18
N PHE A 46 0.46 -7.49 24.00
CA PHE A 46 0.19 -8.12 22.71
C PHE A 46 1.40 -8.76 22.08
N LYS A 47 2.43 -9.11 22.88
CA LYS A 47 3.62 -9.69 22.27
C LYS A 47 3.33 -11.01 21.55
N ASP A 48 2.27 -11.73 21.92
CA ASP A 48 2.02 -13.04 21.33
C ASP A 48 0.97 -12.98 20.21
N VAL A 49 0.62 -11.77 19.77
CA VAL A 49 -0.49 -11.52 18.85
C VAL A 49 0.08 -10.85 17.60
N THR A 50 -0.40 -11.26 16.42
CA THR A 50 0.07 -10.68 15.15
C THR A 50 -0.65 -9.36 14.84
N ALA A 51 -0.06 -8.58 13.93
CA ALA A 51 -0.74 -7.39 13.44
C ALA A 51 -2.13 -7.79 12.93
N VAL A 52 -2.16 -8.84 12.11
CA VAL A 52 -3.37 -9.31 11.47
C VAL A 52 -4.42 -9.65 12.53
N GLN A 53 -4.01 -10.35 13.60
CA GLN A 53 -4.93 -10.63 14.68
C GLN A 53 -5.54 -9.38 15.27
N LEU A 54 -4.75 -8.32 15.53
CA LEU A 54 -5.31 -7.10 16.08
C LEU A 54 -6.27 -6.48 15.06
N GLY A 55 -5.88 -6.51 13.77
CA GLY A 55 -6.70 -5.95 12.71
C GLY A 55 -8.11 -6.55 12.74
N ILE A 56 -8.15 -7.87 12.84
CA ILE A 56 -9.41 -8.62 12.87
C ILE A 56 -10.31 -8.14 14.00
N VAL A 57 -9.71 -7.93 15.18
CA VAL A 57 -10.48 -7.46 16.31
C VAL A 57 -11.12 -6.12 15.95
N ALA A 58 -10.30 -5.19 15.47
CA ALA A 58 -10.80 -3.86 15.15
C ALA A 58 -11.88 -3.88 14.05
N VAL A 59 -11.66 -4.67 13.01
CA VAL A 59 -12.56 -4.68 11.86
C VAL A 59 -13.89 -5.30 12.28
N LYS A 60 -13.83 -6.43 12.96
CA LYS A 60 -15.05 -7.03 13.50
C LYS A 60 -15.85 -6.03 14.35
N ALA A 61 -15.18 -5.33 15.26
CA ALA A 61 -15.82 -4.33 16.10
C ALA A 61 -16.48 -3.22 15.28
N ALA A 62 -15.71 -2.66 14.32
CA ALA A 62 -16.24 -1.60 13.48
C ALA A 62 -17.49 -2.09 12.75
N ILE A 63 -17.45 -3.31 12.23
CA ILE A 63 -18.59 -3.85 11.46
C ILE A 63 -19.79 -4.00 12.38
N GLU A 64 -19.57 -4.54 13.58
CA GLU A 64 -20.65 -4.73 14.54
C GLU A 64 -21.25 -3.39 14.97
N ARG A 65 -20.42 -2.36 15.17
CA ARG A 65 -20.93 -1.08 15.60
C ARG A 65 -21.73 -0.39 14.50
N ALA A 66 -21.35 -0.60 13.23
CA ALA A 66 -22.09 -0.03 12.11
C ALA A 66 -23.43 -0.72 11.91
N LYS A 67 -23.47 -2.02 12.20
CA LYS A 67 -24.60 -2.89 11.89
C LYS A 67 -24.69 -3.03 10.37
N VAL A 68 -23.56 -2.93 9.67
CA VAL A 68 -23.55 -3.02 8.22
C VAL A 68 -23.58 -4.50 7.84
N PRO A 69 -24.54 -4.94 6.99
CA PRO A 69 -24.49 -6.30 6.46
C PRO A 69 -23.19 -6.49 5.70
N VAL A 70 -22.48 -7.61 5.91
CA VAL A 70 -21.16 -7.75 5.33
C VAL A 70 -21.22 -7.80 3.80
N ASP A 71 -22.32 -8.28 3.19
CA ASP A 71 -22.45 -8.28 1.73
C ASP A 71 -22.68 -6.90 1.13
N GLN A 72 -22.65 -5.82 1.94
CA GLN A 72 -22.73 -4.44 1.47
C GLN A 72 -21.35 -3.79 1.46
N ILE A 73 -20.32 -4.55 1.83
N ILE A 73 -20.33 -4.57 1.82
CA ILE A 73 -18.99 -3.96 1.87
CA ILE A 73 -18.97 -4.04 1.87
C ILE A 73 -18.36 -4.14 0.50
C ILE A 73 -18.40 -4.14 0.47
N ASP A 74 -17.81 -3.04 -0.03
CA ASP A 74 -17.27 -3.01 -1.40
C ASP A 74 -15.75 -3.20 -1.47
N GLU A 75 -14.98 -2.76 -0.44
CA GLU A 75 -13.51 -2.88 -0.44
C GLU A 75 -12.98 -2.74 1.00
N VAL A 76 -11.78 -3.28 1.24
CA VAL A 76 -11.05 -3.08 2.50
C VAL A 76 -9.65 -2.51 2.19
N ILE A 77 -9.30 -1.42 2.87
CA ILE A 77 -8.02 -0.75 2.72
C ILE A 77 -7.41 -0.56 4.10
N MET A 78 -6.25 -1.19 4.33
CA MET A 78 -5.62 -1.16 5.64
C MET A 78 -4.16 -0.69 5.50
N GLY A 79 -3.79 0.24 6.36
CA GLY A 79 -2.41 0.63 6.47
C GLY A 79 -1.66 -0.38 7.32
N HIS A 80 -0.39 -0.60 6.99
CA HIS A 80 0.45 -1.59 7.66
C HIS A 80 1.87 -1.41 7.14
N VAL A 81 2.82 -1.06 8.03
CA VAL A 81 4.17 -0.70 7.63
C VAL A 81 5.12 -1.91 7.64
N LEU A 82 5.23 -2.55 8.80
CA LEU A 82 6.26 -3.58 9.03
C LEU A 82 5.66 -4.93 8.72
N THR A 83 5.71 -5.25 7.43
CA THR A 83 4.94 -6.38 6.92
C THR A 83 5.76 -7.66 6.75
N ALA A 84 7.08 -7.61 6.95
CA ALA A 84 7.96 -8.77 6.76
C ALA A 84 7.44 -9.95 7.57
N GLY A 85 7.30 -11.10 6.90
CA GLY A 85 6.92 -12.32 7.59
C GLY A 85 5.45 -12.46 7.96
N CYS A 86 4.63 -11.42 7.71
CA CYS A 86 3.22 -11.45 8.08
C CYS A 86 2.35 -12.22 7.08
N GLY A 87 2.93 -12.66 5.98
CA GLY A 87 2.19 -13.42 4.96
C GLY A 87 1.68 -12.49 3.85
N GLU A 88 0.80 -13.00 3.00
CA GLU A 88 0.33 -12.25 1.83
C GLU A 88 -0.63 -11.10 2.23
N ASN A 89 -0.47 -9.94 1.59
CA ASN A 89 -1.44 -8.83 1.55
C ASN A 89 -2.34 -8.89 2.77
N THR A 90 -1.86 -8.30 3.88
CA THR A 90 -2.45 -8.49 5.18
C THR A 90 -3.86 -7.90 5.29
N ALA A 91 -4.17 -6.84 4.55
CA ALA A 91 -5.53 -6.32 4.56
C ALA A 91 -6.54 -7.42 4.17
N ARG A 92 -6.16 -8.23 3.18
CA ARG A 92 -6.99 -9.31 2.67
C ARG A 92 -7.13 -10.44 3.73
N GLN A 93 -6.05 -10.77 4.43
CA GLN A 93 -6.12 -11.71 5.54
C GLN A 93 -7.12 -11.23 6.60
N VAL A 94 -7.04 -9.94 6.96
CA VAL A 94 -7.90 -9.36 7.96
C VAL A 94 -9.37 -9.46 7.51
N ALA A 95 -9.63 -9.10 6.25
CA ALA A 95 -11.01 -9.13 5.75
C ALA A 95 -11.62 -10.53 5.82
N LEU A 96 -10.87 -11.52 5.36
CA LEU A 96 -11.36 -12.90 5.27
C LEU A 96 -11.63 -13.40 6.68
N HIS A 97 -10.85 -12.98 7.68
CA HIS A 97 -11.03 -13.53 9.01
C HIS A 97 -11.90 -12.64 9.89
N SER A 98 -12.53 -11.62 9.29
CA SER A 98 -13.46 -10.77 9.98
C SER A 98 -14.89 -11.01 9.47
N GLY A 99 -15.07 -12.11 8.70
CA GLY A 99 -16.39 -12.50 8.21
C GLY A 99 -16.85 -11.76 6.95
N ILE A 100 -15.91 -11.09 6.27
CA ILE A 100 -16.25 -10.40 5.04
C ILE A 100 -16.13 -11.40 3.89
N PRO A 101 -17.14 -11.45 2.99
CA PRO A 101 -17.11 -12.41 1.88
C PRO A 101 -15.85 -12.32 1.04
N GLN A 102 -15.47 -13.48 0.52
CA GLN A 102 -14.31 -13.62 -0.34
C GLN A 102 -14.46 -12.74 -1.57
N GLU A 103 -15.71 -12.35 -1.94
CA GLU A 103 -15.94 -11.60 -3.18
C GLU A 103 -15.44 -10.15 -3.03
N VAL A 104 -15.27 -9.65 -1.79
CA VAL A 104 -14.83 -8.28 -1.52
C VAL A 104 -13.32 -8.12 -1.69
N PRO A 105 -12.82 -7.20 -2.54
CA PRO A 105 -11.37 -7.03 -2.66
C PRO A 105 -10.71 -6.19 -1.56
N ALA A 106 -9.38 -6.35 -1.41
CA ALA A 106 -8.69 -5.58 -0.40
C ALA A 106 -7.25 -5.33 -0.80
N PHE A 107 -6.69 -4.24 -0.23
CA PHE A 107 -5.28 -3.98 -0.44
C PHE A 107 -4.72 -3.29 0.80
N THR A 108 -3.38 -3.38 0.90
CA THR A 108 -2.61 -2.86 2.02
C THR A 108 -1.81 -1.66 1.51
N ILE A 109 -1.61 -0.65 2.37
N ILE A 109 -1.71 -0.59 2.32
CA ILE A 109 -0.95 0.58 1.96
CA ILE A 109 -0.89 0.55 1.94
C ILE A 109 0.07 0.99 3.02
C ILE A 109 0.18 0.79 2.99
N ASN A 110 1.25 1.44 2.54
CA ASN A 110 2.34 1.88 3.40
C ASN A 110 2.66 3.34 3.05
N LYS A 111 2.37 4.24 4.01
CA LYS A 111 2.85 5.61 4.04
C LYS A 111 3.43 5.85 5.44
N LEU A 112 4.26 4.89 5.93
CA LEU A 112 4.81 4.89 7.29
C LEU A 112 3.75 5.31 8.30
N SER A 113 4.04 6.27 9.20
CA SER A 113 3.07 6.74 10.18
C SER A 113 1.81 7.33 9.54
N GLY A 114 1.83 7.66 8.27
CA GLY A 114 0.63 8.12 7.61
C GLY A 114 -0.33 7.01 7.19
N SER A 115 0.14 5.76 7.16
CA SER A 115 -0.60 4.69 6.50
C SER A 115 -2.08 4.67 6.87
N GLY A 116 -2.38 4.67 8.16
CA GLY A 116 -3.75 4.42 8.57
C GLY A 116 -4.65 5.61 8.23
N LEU A 117 -4.07 6.84 8.20
CA LEU A 117 -4.88 8.00 7.87
C LEU A 117 -5.05 8.08 6.34
N ARG A 118 -4.01 7.71 5.60
CA ARG A 118 -4.10 7.74 4.14
C ARG A 118 -5.06 6.64 3.70
N ALA A 119 -5.09 5.51 4.43
CA ALA A 119 -6.08 4.47 4.12
C ALA A 119 -7.49 5.07 4.18
N VAL A 120 -7.76 5.88 5.18
CA VAL A 120 -9.06 6.51 5.35
C VAL A 120 -9.36 7.37 4.12
N SER A 121 -8.45 8.29 3.77
CA SER A 121 -8.75 9.17 2.64
C SER A 121 -8.87 8.40 1.30
N LEU A 122 -8.04 7.37 1.07
CA LEU A 122 -8.20 6.54 -0.11
C LEU A 122 -9.60 5.91 -0.17
N GLY A 123 -10.10 5.46 0.97
CA GLY A 123 -11.41 4.86 1.02
C GLY A 123 -12.51 5.88 0.74
N ALA A 124 -12.35 7.09 1.28
CA ALA A 124 -13.26 8.22 1.08
C ALA A 124 -13.33 8.53 -0.43
N GLN A 125 -12.16 8.53 -1.07
CA GLN A 125 -12.08 8.76 -2.52
C GLN A 125 -12.86 7.71 -3.31
N GLN A 126 -12.84 6.44 -2.89
CA GLN A 126 -13.63 5.41 -3.54
C GLN A 126 -15.10 5.82 -3.57
N ILE A 127 -15.61 6.32 -2.45
CA ILE A 127 -17.02 6.54 -2.26
C ILE A 127 -17.39 7.83 -2.96
N GLU A 128 -16.55 8.85 -2.85
CA GLU A 128 -16.87 10.14 -3.44
C GLU A 128 -16.98 10.01 -4.97
N LEU A 129 -16.21 9.11 -5.56
CA LEU A 129 -16.20 8.89 -7.00
C LEU A 129 -17.35 7.99 -7.45
N GLY A 130 -18.01 7.32 -6.50
CA GLY A 130 -19.06 6.38 -6.80
C GLY A 130 -18.60 4.99 -7.20
N ASP A 131 -17.30 4.68 -6.99
CA ASP A 131 -16.76 3.36 -7.24
C ASP A 131 -17.12 2.37 -6.13
N ALA A 132 -17.51 2.89 -4.97
CA ALA A 132 -17.97 2.09 -3.85
C ALA A 132 -19.01 2.86 -3.03
N ASP A 133 -19.86 2.11 -2.32
CA ASP A 133 -20.83 2.67 -1.39
C ASP A 133 -20.46 2.42 0.09
N CYS A 134 -19.53 1.49 0.34
CA CYS A 134 -19.12 1.13 1.69
C CYS A 134 -17.72 0.53 1.64
N VAL A 135 -16.82 1.15 2.41
CA VAL A 135 -15.43 0.71 2.48
C VAL A 135 -15.03 0.63 3.94
N ILE A 136 -14.22 -0.41 4.25
N ILE A 136 -14.20 -0.36 4.26
CA ILE A 136 -13.54 -0.63 5.53
CA ILE A 136 -13.61 -0.49 5.58
C ILE A 136 -12.15 -0.02 5.41
C ILE A 136 -12.16 -0.06 5.45
N VAL A 137 -11.77 0.89 6.32
CA VAL A 137 -10.47 1.53 6.30
C VAL A 137 -9.88 1.36 7.70
N GLY A 138 -8.55 1.45 7.78
CA GLY A 138 -7.88 1.47 9.07
C GLY A 138 -6.39 1.18 8.92
N GLY A 139 -5.82 0.75 10.03
CA GLY A 139 -4.43 0.34 10.07
C GLY A 139 -4.13 -0.52 11.29
N MET A 140 -2.98 -1.21 11.19
CA MET A 140 -2.59 -2.21 12.16
C MET A 140 -1.05 -2.27 12.19
N GLU A 141 -0.50 -2.56 13.38
CA GLU A 141 0.93 -2.77 13.49
C GLU A 141 1.24 -3.58 14.75
N SER A 142 2.14 -4.55 14.58
CA SER A 142 2.76 -5.24 15.70
C SER A 142 4.26 -5.00 15.62
N MET A 143 4.70 -3.90 16.23
CA MET A 143 6.10 -3.55 16.21
C MET A 143 6.87 -4.58 17.04
N SER A 144 6.24 -5.15 18.06
CA SER A 144 6.81 -6.26 18.84
C SER A 144 7.22 -7.44 17.97
N ASN A 145 6.47 -7.74 16.90
CA ASN A 145 6.71 -8.93 16.08
C ASN A 145 7.27 -8.61 14.68
N ALA A 146 7.73 -7.37 14.43
CA ALA A 146 8.54 -7.07 13.27
C ALA A 146 9.80 -7.94 13.38
N PRO A 147 10.13 -8.72 12.34
CA PRO A 147 11.19 -9.71 12.44
C PRO A 147 12.56 -9.13 12.12
N TYR A 148 13.53 -10.03 12.12
CA TYR A 148 14.90 -9.73 11.77
C TYR A 148 15.16 -10.35 10.42
N VAL A 149 15.95 -9.64 9.60
CA VAL A 149 16.20 -10.01 8.22
C VAL A 149 17.70 -10.29 7.97
N ILE A 150 17.94 -11.25 7.07
CA ILE A 150 19.24 -11.60 6.53
C ILE A 150 19.22 -11.30 5.04
N ALA A 151 20.10 -10.41 4.57
CA ALA A 151 20.00 -9.86 3.22
C ALA A 151 20.57 -10.75 2.12
N LYS A 152 21.53 -11.66 2.40
CA LYS A 152 22.23 -12.31 1.31
C LYS A 152 22.20 -13.84 1.48
N ALA A 153 21.15 -14.33 2.15
CA ALA A 153 20.98 -15.75 2.37
C ALA A 153 20.51 -16.46 1.11
N ARG A 154 20.07 -15.74 0.06
CA ARG A 154 19.55 -16.42 -1.11
C ARG A 154 20.67 -16.92 -2.01
N ARG A 155 21.71 -16.09 -2.25
CA ARG A 155 22.80 -16.42 -3.16
C ARG A 155 24.13 -16.57 -2.39
N GLY A 156 24.13 -16.26 -1.10
CA GLY A 156 25.24 -16.54 -0.20
C GLY A 156 26.11 -15.33 0.08
N TYR A 157 26.68 -15.32 1.30
CA TYR A 157 27.63 -14.35 1.79
C TYR A 157 29.03 -14.70 1.31
N ARG A 158 29.29 -15.99 1.09
CA ARG A 158 30.56 -16.51 0.58
C ARG A 158 31.61 -16.55 1.69
N MET A 159 31.92 -15.40 2.26
CA MET A 159 32.95 -15.29 3.27
C MET A 159 32.75 -13.94 3.94
N GLY A 160 32.84 -13.87 5.26
CA GLY A 160 32.69 -12.62 5.96
C GLY A 160 31.32 -12.48 6.59
N ASN A 161 31.27 -11.72 7.67
CA ASN A 161 30.08 -11.46 8.46
C ASN A 161 29.00 -10.77 7.63
N GLY A 162 27.77 -10.91 8.09
CA GLY A 162 26.67 -10.11 7.59
C GLY A 162 25.99 -9.35 8.72
N VAL A 163 24.87 -8.70 8.38
CA VAL A 163 24.07 -7.99 9.37
C VAL A 163 22.73 -8.70 9.56
N LEU A 164 22.37 -8.89 10.83
CA LEU A 164 21.04 -9.31 11.20
C LEU A 164 20.22 -8.04 11.48
N GLU A 165 19.42 -7.63 10.50
CA GLU A 165 18.76 -6.34 10.58
C GLU A 165 17.40 -6.44 11.25
N ASP A 166 17.20 -5.53 12.18
CA ASP A 166 15.93 -5.37 12.83
C ASP A 166 15.00 -4.61 11.87
N THR A 167 13.95 -5.27 11.37
CA THR A 167 13.13 -4.65 10.31
C THR A 167 12.38 -3.43 10.86
N MET A 168 12.16 -3.37 12.16
CA MET A 168 11.43 -2.27 12.77
C MET A 168 12.26 -1.00 12.56
N LEU A 169 13.59 -1.12 12.63
CA LEU A 169 14.45 0.04 12.34
C LEU A 169 14.67 0.18 10.84
N ARG A 170 15.21 -0.87 10.16
CA ARG A 170 15.49 -0.82 8.73
C ARG A 170 14.26 -0.31 7.96
N ASP A 171 13.10 -0.93 8.17
CA ASP A 171 11.97 -0.69 7.30
C ASP A 171 10.99 0.30 7.91
N GLY A 172 11.27 0.75 9.14
CA GLY A 172 10.39 1.60 9.89
C GLY A 172 11.06 2.88 10.39
N LEU A 173 11.78 2.78 11.51
CA LEU A 173 12.16 3.95 12.32
C LEU A 173 13.49 4.59 11.90
N VAL A 174 14.23 4.01 10.95
CA VAL A 174 15.45 4.64 10.46
C VAL A 174 15.18 5.32 9.11
N CYS A 175 15.60 6.61 9.04
CA CYS A 175 15.49 7.38 7.81
C CYS A 175 16.36 6.74 6.75
N THR A 176 15.72 6.17 5.74
CA THR A 176 16.51 5.51 4.72
C THR A 176 17.39 6.53 3.99
N GLU A 177 16.99 7.81 3.97
CA GLU A 177 17.72 8.81 3.19
C GLU A 177 18.97 9.29 3.94
N ASN A 178 18.85 9.48 5.24
CA ASN A 178 19.93 10.03 6.06
C ASN A 178 20.72 8.93 6.78
N GLY A 179 20.13 7.74 6.91
CA GLY A 179 20.66 6.65 7.73
C GLY A 179 20.72 6.96 9.23
N TYR A 180 19.87 7.84 9.76
CA TYR A 180 19.77 7.94 11.22
C TYR A 180 18.33 7.81 11.68
N HIS A 181 18.13 7.73 13.00
CA HIS A 181 16.84 7.41 13.57
C HIS A 181 15.87 8.57 13.34
N MET A 182 14.56 8.26 13.41
CA MET A 182 13.53 9.29 13.43
C MET A 182 13.81 10.27 14.57
N GLY A 183 14.31 9.75 15.71
CA GLY A 183 14.70 10.57 16.83
C GLY A 183 15.73 11.63 16.45
N VAL A 184 16.62 11.34 15.49
CA VAL A 184 17.63 12.33 15.13
C VAL A 184 16.99 13.45 14.29
N THR A 185 15.95 13.12 13.50
CA THR A 185 15.17 14.12 12.78
C THR A 185 14.48 15.04 13.79
N ALA A 186 14.10 14.48 14.95
CA ALA A 186 13.52 15.22 16.06
C ALA A 186 14.55 16.20 16.64
N GLU A 187 15.80 15.73 16.80
CA GLU A 187 16.90 16.59 17.24
C GLU A 187 17.13 17.75 16.27
N ASN A 188 17.12 17.45 14.96
CA ASN A 188 17.27 18.44 13.92
C ASN A 188 16.23 19.53 14.09
N ILE A 189 14.97 19.17 14.40
CA ILE A 189 13.93 20.17 14.63
C ILE A 189 14.32 20.99 15.87
N ALA A 190 14.85 20.33 16.90
CA ALA A 190 15.24 21.09 18.09
C ALA A 190 16.39 22.03 17.77
N SER A 191 17.40 21.57 17.00
CA SER A 191 18.55 22.39 16.66
C SER A 191 18.05 23.62 15.90
N ARG A 192 17.42 23.37 14.74
CA ARG A 192 17.11 24.42 13.78
C ARG A 192 16.05 25.40 14.28
N PHE A 193 15.02 24.91 14.98
CA PHE A 193 13.83 25.71 15.33
C PHE A 193 13.77 26.00 16.83
N GLY A 194 14.79 25.56 17.58
CA GLY A 194 14.98 25.94 18.97
C GLY A 194 13.85 25.52 19.89
N VAL A 195 13.39 24.28 19.75
CA VAL A 195 12.45 23.71 20.71
C VAL A 195 13.27 23.07 21.82
N THR A 196 13.19 23.67 23.02
CA THR A 196 14.15 23.36 24.08
C THR A 196 13.73 22.08 24.79
N ARG A 197 14.73 21.41 25.37
CA ARG A 197 14.53 20.29 26.26
C ARG A 197 13.36 20.54 27.19
N GLN A 198 13.33 21.70 27.83
CA GLN A 198 12.27 21.98 28.78
C GLN A 198 10.91 22.01 28.10
N GLN A 199 10.80 22.66 26.94
CA GLN A 199 9.55 22.65 26.18
C GLN A 199 9.14 21.20 25.87
N GLN A 200 10.08 20.40 25.36
CA GLN A 200 9.82 19.01 25.00
C GLN A 200 9.25 18.25 26.20
N ASP A 201 9.84 18.43 27.38
CA ASP A 201 9.39 17.72 28.56
C ASP A 201 8.05 18.26 29.07
N GLU A 202 7.72 19.53 28.83
CA GLU A 202 6.44 20.02 29.35
C GLU A 202 5.28 19.34 28.60
N CYS A 203 5.44 19.33 27.27
CA CYS A 203 4.59 18.63 26.33
C CYS A 203 4.39 17.18 26.75
N ALA A 204 5.51 16.47 27.00
CA ALA A 204 5.49 15.06 27.35
C ALA A 204 4.72 14.87 28.65
N TYR A 205 5.05 15.71 29.65
CA TYR A 205 4.35 15.69 30.91
C TYR A 205 2.86 15.91 30.72
N ASN A 206 2.44 16.95 29.99
CA ASN A 206 1.01 17.18 29.83
C ASN A 206 0.36 16.01 29.08
N SER A 207 1.09 15.39 28.15
CA SER A 207 0.52 14.29 27.38
C SER A 207 0.20 13.15 28.34
N GLN A 208 1.17 12.79 29.20
CA GLN A 208 0.97 11.71 30.16
C GLN A 208 -0.20 12.01 31.11
N MET A 209 -0.27 13.23 31.62
CA MET A 209 -1.32 13.61 32.55
C MET A 209 -2.66 13.59 31.82
N ARG A 210 -2.73 14.08 30.57
CA ARG A 210 -4.00 14.09 29.85
C ARG A 210 -4.52 12.66 29.62
N ALA A 211 -3.63 11.76 29.24
CA ALA A 211 -3.99 10.39 28.95
C ALA A 211 -4.40 9.63 30.21
N ALA A 212 -3.60 9.75 31.29
CA ALA A 212 -3.96 9.19 32.59
C ALA A 212 -5.37 9.59 33.01
N LYS A 213 -5.65 10.89 32.99
CA LYS A 213 -6.97 11.41 33.38
C LYS A 213 -8.07 10.87 32.47
N ALA A 214 -7.82 10.88 31.15
CA ALA A 214 -8.81 10.43 30.18
C ALA A 214 -9.14 8.97 30.43
N GLN A 215 -8.11 8.14 30.64
CA GLN A 215 -8.31 6.72 30.85
C GLN A 215 -9.09 6.51 32.14
N ALA A 216 -8.74 7.24 33.21
CA ALA A 216 -9.44 7.09 34.49
C ALA A 216 -10.89 7.53 34.38
N GLU A 217 -11.19 8.57 33.60
CA GLU A 217 -12.54 9.11 33.57
C GLU A 217 -13.41 8.38 32.57
N GLY A 218 -12.91 7.31 31.94
CA GLY A 218 -13.73 6.46 31.08
C GLY A 218 -13.72 6.90 29.60
N LYS A 219 -12.92 7.92 29.25
CA LYS A 219 -12.96 8.53 27.93
C LYS A 219 -12.70 7.55 26.79
N PHE A 220 -11.84 6.53 27.02
CA PHE A 220 -11.49 5.55 25.99
C PHE A 220 -12.36 4.29 26.02
N ASP A 221 -13.28 4.19 26.99
CA ASP A 221 -14.02 2.96 27.21
C ASP A 221 -14.79 2.55 25.95
N ALA A 222 -15.55 3.48 25.34
CA ALA A 222 -16.46 3.08 24.28
C ALA A 222 -15.69 2.81 22.98
N GLN A 223 -14.60 3.57 22.72
CA GLN A 223 -13.89 3.43 21.45
C GLN A 223 -13.10 2.12 21.39
N ILE A 224 -12.72 1.59 22.57
CA ILE A 224 -11.86 0.41 22.61
C ILE A 224 -12.68 -0.83 22.37
N ALA A 225 -12.12 -1.70 21.55
CA ALA A 225 -12.64 -3.03 21.35
C ALA A 225 -11.70 -4.00 22.06
N PRO A 226 -12.18 -4.77 23.07
CA PRO A 226 -11.30 -5.67 23.82
C PRO A 226 -10.69 -6.75 22.96
N VAL A 227 -9.45 -7.13 23.30
CA VAL A 227 -8.74 -8.20 22.62
C VAL A 227 -8.76 -9.42 23.53
N THR A 228 -9.36 -10.53 23.08
CA THR A 228 -9.28 -11.79 23.81
C THR A 228 -8.00 -12.52 23.41
N ILE A 229 -7.22 -12.96 24.39
CA ILE A 229 -6.04 -13.77 24.11
C ILE A 229 -6.29 -15.16 24.70
N HIS A 230 -6.27 -16.20 23.86
CA HIS A 230 -6.55 -17.56 24.31
C HIS A 230 -5.36 -18.22 25.01
N ASP A 236 -7.90 -17.95 29.41
CA ASP A 236 -8.28 -16.81 28.52
C ASP A 236 -8.11 -15.47 29.26
N ILE A 237 -7.52 -14.50 28.55
CA ILE A 237 -7.25 -13.16 29.05
C ILE A 237 -8.01 -12.22 28.12
N VAL A 238 -8.78 -11.27 28.67
CA VAL A 238 -9.35 -10.20 27.87
C VAL A 238 -8.59 -8.92 28.16
N ILE A 239 -8.02 -8.30 27.12
CA ILE A 239 -7.28 -7.07 27.31
C ILE A 239 -8.18 -5.89 26.94
N THR A 240 -8.30 -4.89 27.83
CA THR A 240 -9.17 -3.75 27.62
C THR A 240 -8.47 -2.41 27.76
N LYS A 241 -7.21 -2.38 28.22
CA LYS A 241 -6.55 -1.14 28.63
C LYS A 241 -5.26 -0.83 27.86
N ASP A 242 -5.11 0.46 27.57
CA ASP A 242 -3.88 0.98 27.02
C ASP A 242 -2.76 0.78 28.05
N GLU A 243 -1.64 0.18 27.63
CA GLU A 243 -0.60 -0.26 28.54
C GLU A 243 0.44 0.84 28.80
N HIS A 244 0.63 1.75 27.84
CA HIS A 244 1.86 2.51 27.76
C HIS A 244 1.89 3.76 28.63
N ILE A 245 0.72 4.24 29.07
CA ILE A 245 0.60 5.50 29.80
C ILE A 245 1.40 5.40 31.10
N ARG A 246 1.98 6.51 31.55
CA ARG A 246 2.89 6.55 32.69
C ARG A 246 2.49 7.70 33.59
N PRO A 247 1.44 7.48 34.40
CA PRO A 247 0.87 8.54 35.23
C PRO A 247 1.83 9.09 36.29
N GLU A 248 2.97 8.41 36.50
CA GLU A 248 3.88 8.80 37.55
C GLU A 248 4.87 9.85 37.02
N THR A 249 4.87 10.06 35.70
CA THR A 249 5.66 11.08 35.04
C THR A 249 5.60 12.40 35.80
N THR A 250 6.78 13.02 35.95
CA THR A 250 6.93 14.35 36.53
C THR A 250 7.92 15.12 35.68
N LEU A 251 7.79 16.45 35.72
CA LEU A 251 8.72 17.34 35.05
C LEU A 251 10.15 17.05 35.51
N GLU A 252 10.27 16.71 36.79
CA GLU A 252 11.57 16.50 37.42
C GLU A 252 12.15 15.16 36.96
N GLY A 253 11.30 14.14 36.78
CA GLY A 253 11.74 12.87 36.23
C GLY A 253 12.19 12.95 34.77
N LEU A 254 11.44 13.69 33.94
CA LEU A 254 11.77 13.75 32.53
C LEU A 254 13.12 14.42 32.34
N ALA A 255 13.36 15.42 33.21
CA ALA A 255 14.53 16.27 33.19
C ALA A 255 15.81 15.49 33.51
N LYS A 256 15.66 14.32 34.15
CA LYS A 256 16.79 13.50 34.57
C LYS A 256 17.13 12.44 33.54
N LEU A 257 16.30 12.28 32.52
CA LEU A 257 16.52 11.22 31.54
C LEU A 257 17.66 11.59 30.61
N LYS A 258 18.38 10.56 30.19
CA LYS A 258 19.52 10.74 29.31
C LYS A 258 18.99 10.82 27.87
N PRO A 259 19.67 11.55 26.97
CA PRO A 259 19.28 11.58 25.55
C PRO A 259 19.38 10.21 24.87
N ALA A 260 18.39 9.88 24.03
CA ALA A 260 18.27 8.54 23.47
C ALA A 260 18.86 8.44 22.06
N PHE A 261 19.17 9.56 21.41
CA PHE A 261 19.55 9.53 20.00
C PHE A 261 20.87 10.25 19.69
N THR A 262 21.29 11.22 20.52
CA THR A 262 22.52 11.96 20.28
C THR A 262 23.15 12.32 21.63
N LYS A 263 24.48 12.38 21.66
CA LYS A 263 25.19 12.74 22.89
C LYS A 263 24.94 14.23 23.14
N ASP A 264 24.44 14.57 24.35
CA ASP A 264 24.15 15.95 24.69
C ASP A 264 22.93 16.42 23.88
N GLY A 265 21.99 15.50 23.64
CA GLY A 265 20.77 15.80 22.90
C GLY A 265 19.64 16.23 23.82
N THR A 266 18.45 16.43 23.23
CA THR A 266 17.26 16.87 23.96
C THR A 266 16.16 15.82 23.96
N VAL A 267 16.18 14.95 22.94
CA VAL A 267 15.16 13.93 22.77
C VAL A 267 15.51 12.72 23.62
N THR A 268 14.52 12.30 24.42
CA THR A 268 14.65 11.20 25.35
C THR A 268 13.49 10.22 25.20
N ALA A 269 13.67 9.03 25.78
CA ALA A 269 12.58 8.05 25.84
C ALA A 269 11.34 8.65 26.49
N GLY A 270 11.54 9.74 27.25
CA GLY A 270 10.44 10.32 27.98
C GLY A 270 9.63 11.30 27.14
N ASN A 271 10.27 11.93 26.16
CA ASN A 271 9.60 12.95 25.39
C ASN A 271 9.48 12.50 23.93
N ALA A 272 9.60 11.17 23.71
CA ALA A 272 9.51 10.53 22.41
C ALA A 272 8.28 9.62 22.43
N SER A 273 7.68 9.39 21.26
CA SER A 273 6.57 8.47 21.17
C SER A 273 7.06 7.08 21.58
N GLY A 274 6.12 6.26 22.02
CA GLY A 274 6.38 4.83 22.26
C GLY A 274 6.41 4.04 20.96
N ILE A 275 7.02 2.84 21.06
CA ILE A 275 6.88 1.73 20.15
C ILE A 275 5.80 0.80 20.67
N ASN A 276 4.86 0.45 19.79
CA ASN A 276 3.59 -0.07 20.28
C ASN A 276 2.92 -0.93 19.24
N ASP A 277 1.95 -1.68 19.74
CA ASP A 277 1.09 -2.61 19.02
C ASP A 277 -0.37 -2.20 19.16
N ALA A 278 -1.08 -2.13 18.02
CA ALA A 278 -2.54 -1.96 18.02
C ALA A 278 -3.11 -2.03 16.62
N ALA A 279 -4.44 -2.01 16.53
CA ALA A 279 -5.08 -1.85 15.23
C ALA A 279 -6.33 -0.98 15.40
N CYS A 280 -6.84 -0.49 14.28
CA CYS A 280 -7.95 0.44 14.31
C CYS A 280 -8.66 0.35 12.97
N ALA A 281 -10.01 0.43 12.98
CA ALA A 281 -10.77 0.34 11.75
C ALA A 281 -11.97 1.28 11.85
N LEU A 282 -12.42 1.72 10.68
CA LEU A 282 -13.63 2.54 10.55
C LEU A 282 -14.45 1.99 9.37
N VAL A 283 -15.76 2.20 9.43
CA VAL A 283 -16.63 1.87 8.31
C VAL A 283 -17.11 3.19 7.70
N LEU A 284 -16.81 3.36 6.39
CA LEU A 284 -17.21 4.50 5.60
C LEU A 284 -18.32 4.07 4.66
N MET A 285 -19.21 5.02 4.39
CA MET A 285 -20.35 4.79 3.54
C MET A 285 -20.71 6.07 2.76
N SER A 286 -21.35 5.89 1.61
CA SER A 286 -22.09 6.99 1.02
C SER A 286 -23.26 7.35 1.91
N LYS A 287 -23.62 8.64 1.88
CA LYS A 287 -24.84 9.11 2.51
C LYS A 287 -26.04 8.34 1.99
N LYS A 288 -26.11 8.06 0.70
CA LYS A 288 -27.19 7.28 0.12
C LYS A 288 -27.30 5.88 0.71
N LYS A 289 -26.18 5.14 0.79
CA LYS A 289 -26.23 3.77 1.29
C LYS A 289 -26.59 3.74 2.77
N ALA A 290 -26.01 4.65 3.55
CA ALA A 290 -26.34 4.75 4.97
C ALA A 290 -27.85 4.99 5.18
N GLU A 291 -28.42 5.90 4.37
CA GLU A 291 -29.84 6.22 4.43
C GLU A 291 -30.65 4.98 4.03
N GLU A 292 -30.19 4.24 3.00
CA GLU A 292 -30.85 3.04 2.54
C GLU A 292 -30.89 1.96 3.63
N LEU A 293 -29.79 1.84 4.36
CA LEU A 293 -29.63 0.76 5.33
C LEU A 293 -30.20 1.12 6.71
N GLY A 294 -30.56 2.39 6.94
CA GLY A 294 -31.05 2.84 8.24
C GLY A 294 -29.93 3.09 9.24
N ILE A 295 -28.69 3.22 8.74
CA ILE A 295 -27.53 3.39 9.58
C ILE A 295 -27.25 4.89 9.70
N LYS A 296 -27.12 5.36 10.95
CA LYS A 296 -26.96 6.77 11.26
C LYS A 296 -25.49 7.19 11.07
N PRO A 297 -25.18 8.25 10.31
CA PRO A 297 -23.81 8.74 10.18
C PRO A 297 -23.29 9.42 11.44
N ILE A 298 -22.00 9.23 11.73
CA ILE A 298 -21.34 9.90 12.85
C ILE A 298 -20.67 11.19 12.40
N ALA A 299 -19.99 11.15 11.25
CA ALA A 299 -19.29 12.32 10.78
C ALA A 299 -19.19 12.23 9.26
N GLU A 300 -19.14 13.40 8.63
CA GLU A 300 -18.72 13.54 7.24
C GLU A 300 -17.21 13.66 7.17
N ILE A 301 -16.59 13.00 6.18
CA ILE A 301 -15.23 13.35 5.80
C ILE A 301 -15.31 14.47 4.78
N LEU A 302 -14.65 15.61 5.04
CA LEU A 302 -14.73 16.78 4.18
C LEU A 302 -13.67 16.73 3.12
N ASP A 303 -12.41 16.55 3.53
CA ASP A 303 -11.34 16.47 2.57
C ASP A 303 -10.10 15.95 3.29
N TRP A 304 -9.01 15.92 2.52
CA TRP A 304 -7.73 15.32 2.91
C TRP A 304 -6.62 16.06 2.18
N ALA A 305 -5.37 15.88 2.61
CA ALA A 305 -4.23 16.38 1.86
C ALA A 305 -2.96 15.73 2.37
N SER A 306 -2.00 15.45 1.49
CA SER A 306 -0.67 15.04 1.92
C SER A 306 0.33 16.02 1.34
N ALA A 307 1.51 16.07 1.94
CA ALA A 307 2.56 16.95 1.45
C ALA A 307 3.91 16.37 1.86
N GLY A 308 4.95 16.78 1.13
CA GLY A 308 6.30 16.38 1.44
C GLY A 308 7.11 17.53 2.03
N VAL A 309 8.16 17.14 2.75
CA VAL A 309 9.15 18.02 3.34
C VAL A 309 10.51 17.35 3.27
N GLU A 310 11.53 18.08 3.74
CA GLU A 310 12.88 17.56 3.85
C GLU A 310 12.90 16.34 4.80
N PRO A 311 13.32 15.13 4.36
CA PRO A 311 13.41 13.96 5.25
C PRO A 311 14.08 14.24 6.59
N ALA A 312 15.14 15.08 6.59
CA ALA A 312 15.88 15.36 7.82
C ALA A 312 15.02 16.08 8.86
N ILE A 313 13.97 16.80 8.44
CA ILE A 313 13.07 17.43 9.39
C ILE A 313 11.63 16.94 9.16
N MET A 314 11.49 15.62 9.14
CA MET A 314 10.24 15.03 8.68
C MET A 314 9.08 15.43 9.58
N GLY A 315 9.39 15.82 10.83
CA GLY A 315 8.42 16.11 11.84
C GLY A 315 7.59 17.34 11.46
N THR A 316 8.11 18.12 10.49
CA THR A 316 7.43 19.32 10.01
C THR A 316 6.32 19.01 9.00
N GLY A 317 6.16 17.73 8.65
CA GLY A 317 5.24 17.37 7.59
C GLY A 317 3.80 17.87 7.80
N PRO A 318 3.16 17.80 9.00
CA PRO A 318 1.81 18.33 9.20
C PRO A 318 1.57 19.78 8.81
N ILE A 319 2.62 20.59 8.83
CA ILE A 319 2.46 22.01 8.57
C ILE A 319 2.01 22.22 7.12
N PRO A 320 2.77 21.81 6.08
CA PRO A 320 2.26 21.90 4.72
C PRO A 320 1.03 21.03 4.43
N ALA A 321 0.89 19.88 5.10
CA ALA A 321 -0.28 19.04 4.83
C ALA A 321 -1.57 19.74 5.28
N CYS A 322 -1.56 20.28 6.50
CA CYS A 322 -2.69 21.04 7.01
C CYS A 322 -2.92 22.31 6.18
N HIS A 323 -1.88 23.06 5.81
CA HIS A 323 -2.08 24.28 5.03
C HIS A 323 -2.72 23.93 3.67
N LYS A 324 -2.26 22.85 3.06
CA LYS A 324 -2.84 22.40 1.80
C LYS A 324 -4.29 22.01 2.03
N LEU A 325 -4.61 21.38 3.17
CA LEU A 325 -5.98 20.98 3.49
C LEU A 325 -6.87 22.21 3.68
N PHE A 326 -6.37 23.21 4.42
CA PHE A 326 -7.01 24.48 4.66
C PHE A 326 -7.29 25.19 3.32
N LYS A 327 -6.31 25.15 2.41
CA LYS A 327 -6.43 25.78 1.10
C LYS A 327 -7.54 25.07 0.31
N LYS A 328 -7.67 23.74 0.44
CA LYS A 328 -8.65 22.98 -0.31
C LYS A 328 -10.05 23.11 0.27
N THR A 329 -10.16 23.40 1.57
CA THR A 329 -11.43 23.39 2.26
C THR A 329 -11.90 24.82 2.61
N GLY A 330 -10.96 25.76 2.68
CA GLY A 330 -11.23 27.10 3.16
C GLY A 330 -11.32 27.16 4.68
N LEU A 331 -11.13 26.03 5.38
CA LEU A 331 -11.03 26.04 6.84
C LEU A 331 -9.70 26.65 7.27
N LYS A 332 -9.67 27.06 8.56
CA LYS A 332 -8.51 27.54 9.28
C LYS A 332 -8.40 26.74 10.59
N MET A 333 -7.20 26.80 11.18
CA MET A 333 -6.89 26.07 12.39
C MET A 333 -7.92 26.41 13.48
N GLU A 334 -8.23 27.70 13.65
CA GLU A 334 -9.13 28.11 14.71
C GLU A 334 -10.52 27.53 14.53
N ASP A 335 -10.91 27.02 13.35
CA ASP A 335 -12.28 26.58 13.16
C ASP A 335 -12.49 25.19 13.75
N PHE A 336 -11.42 24.48 14.10
CA PHE A 336 -11.60 23.14 14.62
C PHE A 336 -11.93 23.18 16.12
N GLU A 337 -12.91 22.36 16.47
CA GLU A 337 -13.33 22.14 17.84
C GLU A 337 -12.27 21.30 18.57
N LEU A 338 -11.80 20.25 17.91
CA LEU A 338 -10.70 19.44 18.44
C LEU A 338 -9.70 19.09 17.35
N VAL A 339 -8.44 18.89 17.72
CA VAL A 339 -7.42 18.55 16.81
C VAL A 339 -6.58 17.38 17.32
N GLU A 340 -6.21 16.48 16.43
CA GLU A 340 -5.30 15.42 16.76
C GLU A 340 -4.07 15.60 15.87
N LEU A 341 -2.95 15.97 16.47
CA LEU A 341 -1.71 16.09 15.74
C LEU A 341 -0.77 15.13 16.45
N ASN A 342 -0.46 14.02 15.82
CA ASN A 342 0.30 12.98 16.51
C ASN A 342 1.65 13.40 17.07
N GLU A 343 1.85 13.01 18.32
CA GLU A 343 3.10 13.30 18.95
C GLU A 343 4.11 12.21 18.67
N ALA A 344 4.77 12.26 17.53
CA ALA A 344 5.85 11.34 17.25
C ALA A 344 7.01 11.69 18.19
N PHE A 345 7.27 12.98 18.39
CA PHE A 345 8.24 13.44 19.37
C PHE A 345 7.76 14.79 19.88
N ALA A 346 7.96 15.09 21.17
CA ALA A 346 7.52 16.38 21.68
C ALA A 346 8.13 17.53 20.86
N ALA A 347 9.36 17.38 20.39
CA ALA A 347 10.04 18.44 19.65
C ALA A 347 9.25 18.76 18.39
N GLN A 348 8.93 17.70 17.68
CA GLN A 348 8.14 17.79 16.46
C GLN A 348 6.75 18.37 16.76
N ALA A 349 6.04 17.86 17.78
CA ALA A 349 4.67 18.24 18.06
C ALA A 349 4.53 19.70 18.48
N VAL A 350 5.44 20.13 19.35
CA VAL A 350 5.46 21.53 19.75
C VAL A 350 5.69 22.46 18.55
N TYR A 351 6.61 22.11 17.66
CA TYR A 351 6.95 22.97 16.52
C TYR A 351 5.73 23.09 15.60
N CYS A 352 5.07 21.96 15.32
CA CYS A 352 3.92 21.95 14.44
C CYS A 352 2.79 22.78 15.02
N CYS A 353 2.52 22.60 16.31
CA CYS A 353 1.45 23.31 16.99
C CYS A 353 1.74 24.81 17.03
N GLN A 354 2.99 25.19 17.31
CA GLN A 354 3.37 26.60 17.23
C GLN A 354 3.14 27.16 15.83
N GLN A 355 3.74 26.52 14.82
CA GLN A 355 3.66 26.99 13.44
C GLN A 355 2.22 27.06 12.96
N LEU A 356 1.34 26.14 13.38
CA LEU A 356 -0.02 26.10 12.88
C LEU A 356 -0.96 26.95 13.72
N GLY A 357 -0.43 27.49 14.83
CA GLY A 357 -1.23 28.25 15.79
C GLY A 357 -2.28 27.41 16.49
N ALA A 358 -1.89 26.23 16.98
CA ALA A 358 -2.84 25.35 17.66
C ALA A 358 -3.19 25.95 19.00
N ASP A 359 -4.44 25.74 19.40
CA ASP A 359 -4.89 25.98 20.76
C ASP A 359 -4.71 24.69 21.54
N MET A 360 -3.73 24.66 22.46
CA MET A 360 -3.40 23.42 23.14
C MET A 360 -4.54 22.94 24.05
N SER A 361 -5.56 23.79 24.29
CA SER A 361 -6.72 23.35 25.06
C SER A 361 -7.65 22.54 24.17
N LYS A 362 -7.41 22.59 22.85
CA LYS A 362 -8.22 21.83 21.89
C LYS A 362 -7.41 20.81 21.09
N THR A 363 -6.14 20.58 21.47
CA THR A 363 -5.26 19.76 20.65
C THR A 363 -4.70 18.63 21.51
N ASN A 364 -4.91 17.38 21.11
CA ASN A 364 -4.32 16.23 21.78
C ASN A 364 -4.82 16.19 23.23
N ILE A 365 -6.13 16.38 23.42
CA ILE A 365 -6.68 16.63 24.75
C ILE A 365 -6.62 15.40 25.65
N TYR A 366 -6.43 14.21 25.07
CA TYR A 366 -6.37 12.98 25.84
C TYR A 366 -5.01 12.30 25.62
N GLY A 367 -3.97 13.05 25.26
CA GLY A 367 -2.66 12.47 25.03
C GLY A 367 -2.54 11.98 23.59
N SER A 368 -1.42 11.35 23.26
CA SER A 368 -1.07 11.04 21.88
C SER A 368 0.17 10.15 21.92
N GLY A 369 1.04 10.21 20.88
CA GLY A 369 2.03 9.15 20.72
C GLY A 369 2.94 8.95 21.95
N ILE A 370 3.26 10.05 22.67
CA ILE A 370 4.19 9.96 23.81
C ILE A 370 3.62 9.04 24.90
N SER A 371 2.34 9.19 25.15
CA SER A 371 1.66 8.63 26.31
C SER A 371 0.86 7.39 25.91
N LEU A 372 -0.09 7.55 24.98
CA LEU A 372 -0.88 6.42 24.50
C LEU A 372 -0.06 5.42 23.68
N GLY A 373 1.00 5.90 23.03
CA GLY A 373 1.87 5.10 22.17
C GLY A 373 1.58 5.30 20.68
N HIS A 374 2.45 4.74 19.85
CA HIS A 374 2.52 5.04 18.43
C HIS A 374 2.81 3.77 17.62
N PRO A 375 1.82 2.86 17.47
CA PRO A 375 1.97 1.74 16.54
C PRO A 375 1.84 2.28 15.12
N VAL A 376 2.93 2.26 14.36
CA VAL A 376 3.11 3.25 13.30
C VAL A 376 2.03 3.12 12.20
N GLY A 377 1.72 1.92 11.70
CA GLY A 377 0.71 1.77 10.64
C GLY A 377 -0.76 1.99 11.09
N CYS A 378 -1.00 2.00 12.40
CA CYS A 378 -2.30 2.10 13.04
C CYS A 378 -2.65 3.55 13.39
N SER A 379 -1.64 4.31 13.86
CA SER A 379 -1.86 5.59 14.51
C SER A 379 -2.72 6.57 13.71
N GLY A 380 -2.57 6.62 12.38
CA GLY A 380 -3.35 7.57 11.61
C GLY A 380 -4.84 7.29 11.74
N ALA A 381 -5.24 6.03 11.78
CA ALA A 381 -6.66 5.78 11.96
C ALA A 381 -7.08 5.94 13.42
N ARG A 382 -6.13 5.61 14.30
CA ARG A 382 -6.34 5.62 15.74
C ARG A 382 -6.66 7.02 16.23
N ILE A 383 -5.84 8.00 15.83
CA ILE A 383 -6.09 9.37 16.21
C ILE A 383 -7.44 9.84 15.65
N LEU A 384 -7.84 9.39 14.43
CA LEU A 384 -9.15 9.81 13.91
C LEU A 384 -10.29 9.21 14.76
N THR A 385 -10.15 7.96 15.24
CA THR A 385 -11.15 7.31 16.09
C THR A 385 -11.28 8.02 17.45
N THR A 386 -10.15 8.37 18.05
CA THR A 386 -10.14 9.11 19.30
C THR A 386 -10.81 10.48 19.12
N LEU A 387 -10.46 11.19 18.02
CA LEU A 387 -11.06 12.47 17.67
C LEU A 387 -12.58 12.36 17.53
N LEU A 388 -13.04 11.36 16.77
CA LEU A 388 -14.45 11.13 16.54
C LEU A 388 -15.20 10.92 17.86
N TYR A 389 -14.72 9.99 18.70
CA TYR A 389 -15.38 9.70 19.97
C TYR A 389 -15.32 10.90 20.92
N ALA A 390 -14.19 11.61 20.96
CA ALA A 390 -14.10 12.84 21.72
C ALA A 390 -15.21 13.83 21.30
N LEU A 391 -15.34 14.11 20.00
CA LEU A 391 -16.27 15.14 19.55
C LEU A 391 -17.70 14.65 19.74
N ALA A 392 -17.92 13.33 19.79
CA ALA A 392 -19.24 12.76 19.94
C ALA A 392 -19.71 12.71 21.41
N GLU A 393 -18.88 13.16 22.35
CA GLU A 393 -19.26 13.14 23.76
C GLU A 393 -20.44 14.08 24.02
N PRO A 394 -21.42 13.70 24.87
CA PRO A 394 -22.45 14.64 25.32
C PRO A 394 -21.79 15.89 25.88
N GLY A 395 -22.33 17.05 25.55
CA GLY A 395 -21.83 18.29 26.12
C GLY A 395 -20.90 19.04 25.19
N ARG A 396 -20.39 18.37 24.16
CA ARG A 396 -19.64 19.07 23.12
C ARG A 396 -20.63 19.99 22.40
N ASN A 397 -20.23 21.24 22.20
CA ASN A 397 -21.06 22.17 21.42
C ASN A 397 -20.18 23.25 20.80
N GLY A 398 -19.01 22.84 20.29
CA GLY A 398 -18.17 23.69 19.46
C GLY A 398 -18.56 23.59 17.98
N SER A 399 -17.58 23.89 17.11
CA SER A 399 -17.78 23.99 15.68
C SER A 399 -18.24 22.66 15.07
N ARG A 400 -17.91 21.55 15.74
CA ARG A 400 -18.11 20.19 15.26
C ARG A 400 -17.12 19.85 14.15
N TYR A 401 -16.12 20.71 13.89
CA TYR A 401 -15.08 20.38 12.94
C TYR A 401 -13.92 19.68 13.67
N GLY A 402 -13.40 18.61 13.06
CA GLY A 402 -12.21 17.90 13.55
C GLY A 402 -11.07 17.86 12.52
N LEU A 403 -9.82 17.96 13.04
CA LEU A 403 -8.57 17.86 12.28
C LEU A 403 -7.69 16.75 12.86
N ALA A 404 -7.29 15.81 11.99
CA ALA A 404 -6.26 14.83 12.28
C ALA A 404 -5.10 15.00 11.31
N SER A 405 -3.87 14.97 11.85
CA SER A 405 -2.69 14.98 11.00
C SER A 405 -1.54 14.31 11.72
N LEU A 406 -0.64 13.72 10.95
CA LEU A 406 0.61 13.26 11.52
C LEU A 406 1.80 13.33 10.56
N CYS A 407 3.00 13.38 11.15
CA CYS A 407 4.25 13.35 10.39
C CYS A 407 4.65 11.93 10.01
N ILE A 408 5.57 11.87 9.03
CA ILE A 408 5.89 10.65 8.33
C ILE A 408 7.39 10.63 8.02
N GLY A 409 8.06 9.51 8.35
CA GLY A 409 9.41 9.32 7.90
C GLY A 409 9.56 9.51 6.40
N GLY A 410 10.75 9.98 6.01
CA GLY A 410 11.06 10.26 4.63
C GLY A 410 10.61 11.68 4.24
N GLY A 411 10.04 12.39 5.21
CA GLY A 411 9.60 13.77 5.05
C GLY A 411 8.22 13.91 4.40
N GLN A 412 7.17 13.47 5.10
CA GLN A 412 5.81 13.70 4.64
C GLN A 412 4.88 14.09 5.76
N GLY A 413 3.71 14.64 5.40
CA GLY A 413 2.58 14.76 6.28
C GLY A 413 1.29 14.37 5.54
N THR A 414 0.30 13.93 6.30
CA THR A 414 -1.05 13.78 5.79
C THR A 414 -2.05 14.26 6.83
N ALA A 415 -3.22 14.70 6.34
CA ALA A 415 -4.25 15.29 7.18
C ALA A 415 -5.63 14.96 6.63
N VAL A 416 -6.61 14.91 7.54
CA VAL A 416 -8.02 14.79 7.21
C VAL A 416 -8.82 15.78 8.06
N ALA A 417 -9.85 16.38 7.44
CA ALA A 417 -10.84 17.20 8.14
C ALA A 417 -12.19 16.48 8.14
N ILE A 418 -12.85 16.46 9.30
CA ILE A 418 -14.16 15.88 9.48
C ILE A 418 -15.10 16.94 10.06
N LYS A 419 -16.40 16.66 9.93
CA LYS A 419 -17.44 17.42 10.59
C LYS A 419 -18.49 16.45 11.13
N MET A 420 -18.76 16.55 12.44
CA MET A 420 -19.68 15.62 13.05
C MET A 420 -21.08 15.93 12.53
N CYS A 421 -21.92 14.89 12.45
CA CYS A 421 -23.28 14.96 11.92
C CYS A 421 -24.29 15.37 12.99
N LEU A 422 -24.10 14.86 14.21
CA LEU A 422 -24.97 15.16 15.34
C LEU A 422 -26.37 14.58 15.10
N HIS B 25 -17.95 6.79 -17.30
CA HIS B 25 -16.48 6.63 -17.44
C HIS B 25 -15.79 7.77 -16.69
N MET B 26 -14.55 7.53 -16.26
CA MET B 26 -13.72 8.67 -15.93
C MET B 26 -13.58 9.47 -17.24
N LYS B 27 -13.62 10.78 -17.09
CA LYS B 27 -13.67 11.73 -18.18
C LYS B 27 -12.42 12.60 -18.21
N ASN B 28 -11.60 12.61 -17.16
CA ASN B 28 -10.56 13.62 -17.06
C ASN B 28 -9.15 13.01 -16.97
N VAL B 29 -9.00 11.70 -17.20
CA VAL B 29 -7.71 11.06 -16.93
C VAL B 29 -7.05 10.53 -18.22
N VAL B 30 -5.81 10.99 -18.47
CA VAL B 30 -5.04 10.44 -19.57
C VAL B 30 -3.67 9.91 -19.10
N ILE B 31 -3.18 8.92 -19.86
CA ILE B 31 -1.79 8.46 -19.79
C ILE B 31 -0.98 9.29 -20.78
N VAL B 32 0.06 9.96 -20.30
CA VAL B 32 0.90 10.76 -21.19
C VAL B 32 2.24 10.08 -21.53
N SER B 33 2.69 9.10 -20.71
CA SER B 33 3.89 8.31 -21.01
C SER B 33 3.90 7.00 -20.23
N ALA B 34 4.80 6.08 -20.62
CA ALA B 34 5.07 4.84 -19.90
C ALA B 34 6.45 4.34 -20.28
N ALA B 35 7.03 3.59 -19.35
CA ALA B 35 8.35 3.01 -19.50
C ALA B 35 8.47 1.80 -18.57
N ARG B 36 9.19 0.77 -19.04
CA ARG B 36 9.55 -0.36 -18.20
C ARG B 36 11.02 -0.70 -18.43
N THR B 37 11.62 -1.26 -17.39
CA THR B 37 12.94 -1.88 -17.48
C THR B 37 12.80 -3.15 -18.29
N PRO B 38 13.92 -3.74 -18.79
CA PRO B 38 13.92 -5.14 -19.20
C PRO B 38 13.48 -5.99 -18.04
N ILE B 39 12.99 -7.20 -18.33
CA ILE B 39 12.65 -8.09 -17.25
C ILE B 39 13.77 -9.12 -17.07
N GLY B 40 14.40 -9.08 -15.90
CA GLY B 40 15.45 -9.99 -15.48
C GLY B 40 14.90 -11.34 -14.95
N SER B 41 15.70 -12.39 -15.12
CA SER B 41 15.42 -13.69 -14.54
C SER B 41 15.85 -13.76 -13.08
N PHE B 42 15.30 -14.75 -12.38
CA PHE B 42 15.55 -14.90 -10.95
C PHE B 42 17.05 -15.14 -10.74
N ASN B 43 17.69 -14.30 -9.92
CA ASN B 43 19.12 -14.43 -9.65
C ASN B 43 19.90 -14.26 -10.94
N GLY B 44 19.34 -13.47 -11.87
CA GLY B 44 19.96 -13.19 -13.14
C GLY B 44 20.55 -11.78 -13.20
N GLN B 45 20.25 -11.11 -14.31
CA GLN B 45 21.00 -9.95 -14.77
C GLN B 45 20.84 -8.78 -13.80
N PHE B 46 19.73 -8.71 -13.04
CA PHE B 46 19.53 -7.68 -12.02
C PHE B 46 19.68 -8.20 -10.60
N LYS B 47 20.43 -9.29 -10.40
CA LYS B 47 20.55 -9.85 -9.07
C LYS B 47 21.25 -8.86 -8.12
N ASP B 48 22.08 -7.96 -8.66
CA ASP B 48 22.79 -7.01 -7.82
C ASP B 48 22.13 -5.64 -7.80
N VAL B 49 20.82 -5.59 -8.10
CA VAL B 49 20.10 -4.34 -8.28
C VAL B 49 18.83 -4.43 -7.45
N THR B 50 18.57 -3.39 -6.64
CA THR B 50 17.39 -3.33 -5.78
C THR B 50 16.14 -3.00 -6.61
N ALA B 51 14.96 -3.30 -6.01
CA ALA B 51 13.67 -2.93 -6.58
C ALA B 51 13.59 -1.40 -6.72
N VAL B 52 14.02 -0.67 -5.69
CA VAL B 52 14.07 0.79 -5.72
C VAL B 52 14.89 1.27 -6.93
N GLN B 53 16.04 0.65 -7.16
CA GLN B 53 16.92 1.05 -8.25
C GLN B 53 16.27 0.79 -9.60
N LEU B 54 15.55 -0.34 -9.76
CA LEU B 54 14.85 -0.58 -11.01
C LEU B 54 13.71 0.44 -11.15
N GLY B 55 13.10 0.78 -10.01
CA GLY B 55 11.98 1.71 -9.94
C GLY B 55 12.37 3.09 -10.45
N ILE B 56 13.54 3.55 -9.99
CA ILE B 56 14.16 4.82 -10.38
C ILE B 56 14.39 4.87 -11.90
N VAL B 57 14.97 3.80 -12.49
CA VAL B 57 15.16 3.74 -13.94
C VAL B 57 13.84 3.97 -14.64
N ALA B 58 12.77 3.29 -14.19
CA ALA B 58 11.51 3.36 -14.89
C ALA B 58 10.85 4.73 -14.76
N VAL B 59 10.86 5.30 -13.56
CA VAL B 59 10.25 6.58 -13.28
C VAL B 59 11.01 7.67 -14.04
N LYS B 60 12.34 7.65 -14.01
CA LYS B 60 13.10 8.67 -14.72
C LYS B 60 12.72 8.67 -16.20
N ALA B 61 12.72 7.47 -16.79
CA ALA B 61 12.31 7.27 -18.17
C ALA B 61 10.88 7.80 -18.44
N ALA B 62 9.90 7.46 -17.58
CA ALA B 62 8.53 7.90 -17.78
C ALA B 62 8.45 9.43 -17.78
N ILE B 63 9.21 10.08 -16.89
CA ILE B 63 9.19 11.54 -16.75
C ILE B 63 9.75 12.14 -18.04
N GLU B 64 10.86 11.59 -18.52
CA GLU B 64 11.48 12.15 -19.71
C GLU B 64 10.57 11.98 -20.91
N ARG B 65 9.90 10.83 -21.06
CA ARG B 65 9.08 10.59 -22.24
C ARG B 65 7.87 11.52 -22.24
N ALA B 66 7.33 11.82 -21.06
CA ALA B 66 6.20 12.75 -20.96
C ALA B 66 6.59 14.21 -21.22
N LYS B 67 7.85 14.54 -20.93
CA LYS B 67 8.37 15.90 -20.87
C LYS B 67 7.57 16.72 -19.86
N VAL B 68 7.26 16.09 -18.71
CA VAL B 68 6.53 16.76 -17.65
C VAL B 68 7.55 17.48 -16.77
N PRO B 69 7.42 18.79 -16.49
CA PRO B 69 8.27 19.43 -15.48
C PRO B 69 8.00 18.75 -14.14
N VAL B 70 9.06 18.40 -13.41
CA VAL B 70 8.90 17.64 -12.16
C VAL B 70 8.12 18.42 -11.09
N ASP B 71 8.03 19.75 -11.19
CA ASP B 71 7.26 20.51 -10.21
C ASP B 71 5.76 20.55 -10.52
N GLN B 72 5.32 19.80 -11.53
CA GLN B 72 3.90 19.64 -11.85
C GLN B 72 3.40 18.32 -11.32
N ILE B 73 4.28 17.51 -10.73
CA ILE B 73 3.88 16.20 -10.22
C ILE B 73 3.25 16.40 -8.85
N ASP B 74 2.11 15.74 -8.61
CA ASP B 74 1.37 15.93 -7.37
C ASP B 74 1.51 14.76 -6.41
N GLU B 75 1.78 13.54 -6.93
CA GLU B 75 1.89 12.35 -6.07
C GLU B 75 2.55 11.22 -6.85
N VAL B 76 3.16 10.28 -6.10
CA VAL B 76 3.75 9.05 -6.64
C VAL B 76 3.18 7.87 -5.88
N ILE B 77 2.65 6.90 -6.62
CA ILE B 77 2.00 5.70 -6.07
C ILE B 77 2.62 4.50 -6.79
N MET B 78 3.34 3.67 -6.03
CA MET B 78 4.02 2.50 -6.58
C MET B 78 3.60 1.22 -5.85
N GLY B 79 3.26 0.22 -6.66
CA GLY B 79 3.09 -1.13 -6.12
C GLY B 79 4.45 -1.78 -5.86
N HIS B 80 4.52 -2.61 -4.81
CA HIS B 80 5.73 -3.29 -4.37
C HIS B 80 5.27 -4.34 -3.34
N VAL B 81 5.58 -5.61 -3.61
CA VAL B 81 5.05 -6.68 -2.78
C VAL B 81 6.04 -7.06 -1.67
N LEU B 82 7.23 -7.48 -2.07
CA LEU B 82 8.21 -8.06 -1.16
C LEU B 82 9.14 -6.94 -0.70
N THR B 83 8.75 -6.31 0.42
CA THR B 83 9.33 -5.05 0.88
C THR B 83 10.32 -5.24 2.03
N ALA B 84 10.48 -6.47 2.51
CA ALA B 84 11.36 -6.77 3.66
C ALA B 84 12.79 -6.33 3.33
N GLY B 85 13.37 -5.60 4.29
CA GLY B 85 14.71 -5.04 4.16
C GLY B 85 14.91 -4.00 3.06
N CYS B 86 13.86 -3.46 2.45
CA CYS B 86 14.07 -2.53 1.37
C CYS B 86 14.20 -1.11 1.91
N GLY B 87 13.98 -0.92 3.21
CA GLY B 87 13.98 0.40 3.83
C GLY B 87 12.57 1.01 3.86
N GLU B 88 12.50 2.30 4.21
CA GLU B 88 11.23 3.02 4.35
C GLU B 88 10.53 3.20 3.00
N ASN B 89 9.19 2.97 3.01
CA ASN B 89 8.24 3.43 2.01
C ASN B 89 8.95 3.64 0.66
N THR B 90 9.14 2.51 -0.07
CA THR B 90 9.97 2.45 -1.25
C THR B 90 9.47 3.40 -2.34
N ALA B 91 8.17 3.70 -2.46
CA ALA B 91 7.69 4.69 -3.41
C ALA B 91 8.39 6.03 -3.22
N ARG B 92 8.55 6.43 -1.96
CA ARG B 92 9.16 7.71 -1.62
C ARG B 92 10.65 7.70 -1.97
N GLN B 93 11.35 6.61 -1.66
CA GLN B 93 12.74 6.47 -2.07
C GLN B 93 12.89 6.64 -3.58
N VAL B 94 12.07 5.95 -4.39
CA VAL B 94 12.13 6.06 -5.84
C VAL B 94 11.93 7.51 -6.30
N ALA B 95 10.91 8.17 -5.75
CA ALA B 95 10.59 9.55 -6.10
C ALA B 95 11.80 10.46 -5.85
N LEU B 96 12.30 10.45 -4.61
CA LEU B 96 13.42 11.32 -4.26
C LEU B 96 14.60 11.09 -5.20
N HIS B 97 14.79 9.88 -5.73
CA HIS B 97 15.99 9.59 -6.51
C HIS B 97 15.71 9.60 -8.02
N SER B 98 14.51 10.04 -8.42
CA SER B 98 14.17 10.22 -9.82
C SER B 98 14.07 11.71 -10.14
N GLY B 99 14.52 12.56 -9.21
CA GLY B 99 14.54 14.01 -9.42
C GLY B 99 13.20 14.67 -9.15
N ILE B 100 12.33 14.01 -8.35
CA ILE B 100 11.03 14.57 -8.01
C ILE B 100 11.19 15.38 -6.73
N PRO B 101 10.69 16.65 -6.67
CA PRO B 101 10.88 17.49 -5.48
C PRO B 101 10.39 16.82 -4.20
N GLN B 102 11.07 17.16 -3.09
CA GLN B 102 10.81 16.50 -1.82
C GLN B 102 9.39 16.86 -1.36
N GLU B 103 8.83 17.97 -1.87
CA GLU B 103 7.49 18.40 -1.53
C GLU B 103 6.39 17.48 -2.07
N VAL B 104 6.67 16.60 -3.02
CA VAL B 104 5.67 15.71 -3.60
C VAL B 104 5.51 14.48 -2.70
N PRO B 105 4.28 14.15 -2.23
CA PRO B 105 4.04 12.97 -1.37
C PRO B 105 4.05 11.65 -2.16
N ALA B 106 4.30 10.52 -1.47
CA ALA B 106 4.33 9.23 -2.13
C ALA B 106 3.89 8.13 -1.17
N PHE B 107 3.22 7.10 -1.71
CA PHE B 107 2.99 5.92 -0.91
C PHE B 107 3.11 4.67 -1.77
N THR B 108 3.31 3.53 -1.07
CA THR B 108 3.48 2.25 -1.67
C THR B 108 2.24 1.39 -1.39
N ILE B 109 1.80 0.60 -2.36
N ILE B 109 1.88 0.51 -2.32
CA ILE B 109 0.70 -0.32 -2.13
CA ILE B 109 0.67 -0.28 -2.21
C ILE B 109 1.12 -1.76 -2.40
C ILE B 109 0.94 -1.74 -2.58
N ASN B 110 0.35 -2.65 -1.80
CA ASN B 110 0.45 -4.06 -2.02
C ASN B 110 -0.94 -4.66 -2.21
N LYS B 111 -1.18 -5.13 -3.43
CA LYS B 111 -2.25 -6.04 -3.79
C LYS B 111 -1.66 -7.21 -4.56
N LEU B 112 -0.56 -7.77 -4.03
CA LEU B 112 0.23 -8.84 -4.64
C LEU B 112 0.39 -8.58 -6.14
N SER B 113 0.02 -9.52 -7.01
CA SER B 113 0.24 -9.30 -8.45
C SER B 113 -0.63 -8.16 -9.00
N GLY B 114 -1.58 -7.69 -8.20
CA GLY B 114 -2.44 -6.61 -8.65
C GLY B 114 -1.84 -5.24 -8.43
N SER B 115 -0.76 -5.21 -7.64
CA SER B 115 -0.20 -3.99 -7.07
C SER B 115 0.03 -2.88 -8.09
N GLY B 116 0.72 -3.19 -9.18
CA GLY B 116 1.11 -2.22 -10.18
C GLY B 116 -0.10 -1.66 -10.95
N LEU B 117 -1.14 -2.50 -11.13
CA LEU B 117 -2.31 -2.05 -11.85
C LEU B 117 -3.27 -1.31 -10.91
N ARG B 118 -3.38 -1.73 -9.64
CA ARG B 118 -4.21 -0.93 -8.76
C ARG B 118 -3.52 0.40 -8.47
N ALA B 119 -2.18 0.44 -8.55
CA ALA B 119 -1.51 1.74 -8.38
C ALA B 119 -2.02 2.71 -9.45
N VAL B 120 -2.15 2.21 -10.70
CA VAL B 120 -2.59 3.02 -11.80
C VAL B 120 -4.00 3.55 -11.54
N SER B 121 -4.93 2.66 -11.14
CA SER B 121 -6.30 3.12 -10.96
C SER B 121 -6.43 4.03 -9.72
N LEU B 122 -5.62 3.83 -8.65
CA LEU B 122 -5.62 4.75 -7.52
C LEU B 122 -5.15 6.14 -8.00
N GLY B 123 -4.14 6.16 -8.84
CA GLY B 123 -3.63 7.42 -9.38
C GLY B 123 -4.69 8.13 -10.25
N ALA B 124 -5.41 7.34 -11.07
CA ALA B 124 -6.47 7.86 -11.92
C ALA B 124 -7.58 8.48 -11.08
N GLN B 125 -7.95 7.81 -9.95
CA GLN B 125 -8.90 8.32 -8.99
C GLN B 125 -8.54 9.69 -8.43
N GLN B 126 -7.24 9.92 -8.21
CA GLN B 126 -6.72 11.17 -7.66
C GLN B 126 -7.01 12.28 -8.64
N ILE B 127 -6.80 11.95 -9.91
CA ILE B 127 -6.98 12.95 -10.96
C ILE B 127 -8.46 13.18 -11.23
N GLU B 128 -9.27 12.11 -11.29
CA GLU B 128 -10.68 12.27 -11.62
C GLU B 128 -11.40 13.10 -10.57
N LEU B 129 -10.98 13.04 -9.29
CA LEU B 129 -11.60 13.77 -8.21
C LEU B 129 -11.10 15.20 -8.14
N GLY B 130 -10.07 15.51 -8.92
CA GLY B 130 -9.48 16.83 -8.87
C GLY B 130 -8.60 17.03 -7.64
N ASP B 131 -8.19 15.94 -7.00
CA ASP B 131 -7.19 16.00 -5.93
C ASP B 131 -5.75 16.14 -6.44
N ALA B 132 -5.52 15.91 -7.75
CA ALA B 132 -4.21 15.92 -8.38
C ALA B 132 -4.45 16.23 -9.86
N ASP B 133 -3.46 16.86 -10.49
CA ASP B 133 -3.47 17.00 -11.95
C ASP B 133 -2.41 16.15 -12.64
N CYS B 134 -1.43 15.61 -11.90
CA CYS B 134 -0.41 14.74 -12.46
C CYS B 134 0.06 13.77 -11.37
N VAL B 135 0.02 12.46 -11.70
CA VAL B 135 0.45 11.42 -10.76
C VAL B 135 1.37 10.45 -11.48
N ILE B 136 2.45 10.09 -10.81
CA ILE B 136 3.31 9.01 -11.28
C ILE B 136 2.83 7.68 -10.67
N VAL B 137 2.57 6.69 -11.53
CA VAL B 137 2.09 5.39 -11.06
C VAL B 137 3.01 4.30 -11.57
N GLY B 138 3.02 3.13 -10.91
CA GLY B 138 3.84 2.03 -11.41
C GLY B 138 3.94 0.85 -10.45
N GLY B 139 4.98 0.04 -10.65
CA GLY B 139 5.25 -1.05 -9.75
C GLY B 139 6.70 -1.49 -9.94
N MET B 140 7.24 -2.06 -8.88
CA MET B 140 8.58 -2.58 -8.94
C MET B 140 8.66 -3.85 -8.11
N GLU B 141 9.67 -4.66 -8.43
CA GLU B 141 9.90 -5.89 -7.69
C GLU B 141 11.27 -6.46 -7.99
N SER B 142 11.99 -6.77 -6.93
CA SER B 142 13.21 -7.57 -7.05
C SER B 142 13.00 -8.86 -6.26
N MET B 143 12.50 -9.88 -6.93
CA MET B 143 12.20 -11.13 -6.25
C MET B 143 13.53 -11.81 -5.91
N SER B 144 14.55 -11.59 -6.72
CA SER B 144 15.92 -12.01 -6.40
C SER B 144 16.37 -11.56 -4.99
N ASN B 145 16.01 -10.35 -4.55
CA ASN B 145 16.54 -9.78 -3.32
C ASN B 145 15.51 -9.75 -2.20
N ALA B 146 14.37 -10.46 -2.36
CA ALA B 146 13.53 -10.74 -1.23
C ALA B 146 14.40 -11.50 -0.24
N PRO B 147 14.49 -11.05 1.02
CA PRO B 147 15.41 -11.66 1.98
C PRO B 147 14.76 -12.80 2.75
N TYR B 148 15.52 -13.32 3.71
CA TYR B 148 15.05 -14.36 4.60
C TYR B 148 14.83 -13.71 5.95
N VAL B 149 13.87 -14.21 6.73
CA VAL B 149 13.60 -13.67 8.06
C VAL B 149 13.56 -14.77 9.11
N ILE B 150 13.78 -14.34 10.36
CA ILE B 150 13.53 -15.15 11.53
C ILE B 150 12.59 -14.41 12.48
N ALA B 151 11.57 -15.14 12.96
CA ALA B 151 10.37 -14.60 13.52
C ALA B 151 10.57 -14.29 14.99
N LYS B 152 11.52 -14.96 15.67
CA LYS B 152 11.51 -14.88 17.14
C LYS B 152 12.84 -14.39 17.72
N ALA B 153 13.63 -13.68 16.91
CA ALA B 153 14.90 -13.11 17.35
C ALA B 153 14.74 -11.92 18.30
N ARG B 154 13.58 -11.28 18.40
CA ARG B 154 13.48 -10.12 19.28
C ARG B 154 13.42 -10.51 20.76
N ARG B 155 12.63 -11.53 21.11
CA ARG B 155 12.43 -11.90 22.50
C ARG B 155 13.05 -13.28 22.78
N GLY B 156 13.46 -13.97 21.72
CA GLY B 156 14.24 -15.19 21.79
C GLY B 156 13.41 -16.46 21.55
N TYR B 157 14.12 -17.52 21.13
CA TYR B 157 13.58 -18.86 20.91
C TYR B 157 13.62 -19.73 22.17
N ARG B 158 14.41 -19.31 23.18
CA ARG B 158 14.63 -19.96 24.47
C ARG B 158 15.32 -21.32 24.33
N MET B 159 14.73 -22.20 23.53
CA MET B 159 15.24 -23.55 23.38
C MET B 159 14.49 -24.18 22.23
N GLY B 160 15.21 -24.90 21.36
CA GLY B 160 14.64 -25.54 20.20
C GLY B 160 14.83 -24.72 18.94
N ASN B 161 14.65 -25.38 17.78
CA ASN B 161 14.89 -24.77 16.49
C ASN B 161 13.79 -23.80 16.09
N GLY B 162 14.14 -23.00 15.08
CA GLY B 162 13.23 -22.07 14.44
C GLY B 162 13.27 -22.23 12.94
N VAL B 163 12.55 -21.33 12.24
CA VAL B 163 12.50 -21.37 10.79
C VAL B 163 13.09 -20.08 10.22
N LEU B 164 13.93 -20.29 9.20
CA LEU B 164 14.53 -19.27 8.36
C LEU B 164 13.65 -19.16 7.12
N GLU B 165 12.80 -18.10 7.13
CA GLU B 165 11.69 -17.97 6.20
C GLU B 165 12.14 -17.21 4.94
N ASP B 166 11.90 -17.82 3.78
CA ASP B 166 12.06 -17.15 2.50
C ASP B 166 10.86 -16.22 2.32
N THR B 167 11.07 -14.90 2.40
CA THR B 167 9.95 -13.97 2.33
C THR B 167 9.28 -13.98 0.95
N MET B 168 9.95 -14.47 -0.08
CA MET B 168 9.36 -14.49 -1.41
C MET B 168 8.22 -15.50 -1.42
N LEU B 169 8.36 -16.57 -0.62
CA LEU B 169 7.25 -17.52 -0.43
C LEU B 169 6.31 -17.07 0.67
N ARG B 170 6.82 -16.78 1.87
CA ARG B 170 5.98 -16.46 2.99
C ARG B 170 5.04 -15.29 2.66
N ASP B 171 5.61 -14.20 2.16
CA ASP B 171 4.89 -12.95 1.97
C ASP B 171 4.46 -12.75 0.50
N GLY B 172 4.74 -13.72 -0.37
CA GLY B 172 4.53 -13.60 -1.81
C GLY B 172 3.73 -14.78 -2.37
N LEU B 173 4.44 -15.87 -2.65
CA LEU B 173 3.96 -16.92 -3.55
C LEU B 173 3.20 -18.05 -2.85
N VAL B 174 3.16 -18.08 -1.53
CA VAL B 174 2.42 -19.11 -0.80
C VAL B 174 1.08 -18.51 -0.34
N CYS B 175 0.00 -19.26 -0.59
CA CYS B 175 -1.31 -18.86 -0.13
C CYS B 175 -1.30 -18.87 1.40
N THR B 176 -1.46 -17.70 2.04
CA THR B 176 -1.46 -17.66 3.49
C THR B 176 -2.69 -18.39 4.02
N GLU B 177 -3.76 -18.39 3.22
CA GLU B 177 -5.02 -18.99 3.64
C GLU B 177 -4.91 -20.51 3.62
N ASN B 178 -4.36 -21.08 2.55
CA ASN B 178 -4.34 -22.52 2.38
C ASN B 178 -3.02 -23.16 2.81
N GLY B 179 -1.91 -22.39 2.80
CA GLY B 179 -0.60 -22.88 3.17
C GLY B 179 0.13 -23.62 2.05
N TYR B 180 -0.32 -23.45 0.80
CA TYR B 180 0.35 -24.06 -0.34
C TYR B 180 0.65 -22.98 -1.39
N HIS B 181 1.53 -23.32 -2.31
CA HIS B 181 2.00 -22.44 -3.36
C HIS B 181 0.86 -22.03 -4.30
N MET B 182 1.00 -20.86 -4.95
CA MET B 182 0.10 -20.40 -6.00
C MET B 182 0.00 -21.45 -7.10
N GLY B 183 1.08 -22.19 -7.29
CA GLY B 183 1.09 -23.23 -8.32
C GLY B 183 0.10 -24.35 -7.98
N VAL B 184 -0.18 -24.56 -6.69
CA VAL B 184 -1.21 -25.53 -6.31
C VAL B 184 -2.59 -24.96 -6.65
N THR B 185 -2.79 -23.63 -6.43
CA THR B 185 -4.04 -22.98 -6.83
C THR B 185 -4.25 -23.15 -8.34
N ALA B 186 -3.18 -23.25 -9.12
CA ALA B 186 -3.25 -23.46 -10.56
C ALA B 186 -3.72 -24.89 -10.86
N GLU B 187 -3.22 -25.85 -10.06
CA GLU B 187 -3.62 -27.24 -10.18
C GLU B 187 -5.09 -27.41 -9.81
N ASN B 188 -5.57 -26.59 -8.87
CA ASN B 188 -6.98 -26.59 -8.48
C ASN B 188 -7.81 -26.19 -9.69
N ILE B 189 -7.37 -25.13 -10.39
CA ILE B 189 -8.06 -24.75 -11.61
C ILE B 189 -8.03 -25.89 -12.63
N ALA B 190 -6.88 -26.56 -12.77
CA ALA B 190 -6.75 -27.69 -13.67
C ALA B 190 -7.73 -28.81 -13.29
N SER B 191 -7.80 -29.18 -11.99
CA SER B 191 -8.62 -30.28 -11.55
C SER B 191 -10.08 -29.92 -11.83
N ARG B 192 -10.59 -28.94 -11.06
CA ARG B 192 -11.99 -28.54 -11.16
C ARG B 192 -12.47 -28.21 -12.57
N PHE B 193 -11.67 -27.51 -13.38
CA PHE B 193 -12.18 -26.89 -14.61
C PHE B 193 -11.77 -27.61 -15.89
N GLY B 194 -10.93 -28.64 -15.75
CA GLY B 194 -10.55 -29.52 -16.83
C GLY B 194 -9.61 -28.85 -17.83
N VAL B 195 -8.65 -28.06 -17.34
CA VAL B 195 -7.65 -27.54 -18.24
C VAL B 195 -6.52 -28.57 -18.25
N THR B 196 -6.35 -29.26 -19.38
CA THR B 196 -5.40 -30.33 -19.47
C THR B 196 -3.97 -29.79 -19.54
N ARG B 197 -3.02 -30.69 -19.24
CA ARG B 197 -1.60 -30.51 -19.46
C ARG B 197 -1.29 -30.10 -20.89
N GLN B 198 -1.94 -30.73 -21.87
CA GLN B 198 -1.64 -30.43 -23.27
C GLN B 198 -2.07 -28.99 -23.56
N GLN B 199 -3.22 -28.58 -23.00
CA GLN B 199 -3.71 -27.23 -23.20
C GLN B 199 -2.74 -26.22 -22.59
N GLN B 200 -2.29 -26.51 -21.37
CA GLN B 200 -1.36 -25.65 -20.64
C GLN B 200 -0.05 -25.50 -21.44
N ASP B 201 0.50 -26.63 -21.91
CA ASP B 201 1.77 -26.60 -22.63
C ASP B 201 1.60 -25.88 -23.97
N GLU B 202 0.45 -26.04 -24.62
CA GLU B 202 0.14 -25.32 -25.84
C GLU B 202 0.15 -23.80 -25.58
N CYS B 203 -0.52 -23.37 -24.51
CA CYS B 203 -0.53 -21.97 -24.12
C CYS B 203 0.89 -21.46 -23.89
N ALA B 204 1.68 -22.23 -23.14
CA ALA B 204 3.07 -21.92 -22.83
C ALA B 204 3.88 -21.80 -24.11
N TYR B 205 3.73 -22.77 -25.01
CA TYR B 205 4.48 -22.76 -26.26
C TYR B 205 4.16 -21.47 -27.02
N ASN B 206 2.87 -21.14 -27.16
CA ASN B 206 2.46 -19.99 -27.94
C ASN B 206 3.01 -18.70 -27.34
N SER B 207 3.05 -18.65 -26.01
CA SER B 207 3.51 -17.48 -25.29
C SER B 207 4.99 -17.21 -25.57
N GLN B 208 5.80 -18.26 -25.56
CA GLN B 208 7.23 -18.16 -25.84
C GLN B 208 7.47 -17.73 -27.28
N MET B 209 6.79 -18.37 -28.23
CA MET B 209 6.96 -18.05 -29.64
C MET B 209 6.57 -16.59 -29.88
N ARG B 210 5.41 -16.17 -29.34
CA ARG B 210 4.98 -14.80 -29.48
C ARG B 210 6.02 -13.85 -28.89
N ALA B 211 6.52 -14.09 -27.67
CA ALA B 211 7.49 -13.21 -27.04
C ALA B 211 8.79 -13.17 -27.85
N ALA B 212 9.24 -14.33 -28.34
CA ALA B 212 10.50 -14.37 -29.07
C ALA B 212 10.39 -13.54 -30.35
N LYS B 213 9.28 -13.73 -31.06
CA LYS B 213 9.06 -13.05 -32.32
C LYS B 213 8.91 -11.55 -32.09
N ALA B 214 8.20 -11.17 -31.01
CA ALA B 214 8.00 -9.77 -30.69
C ALA B 214 9.35 -9.11 -30.39
N GLN B 215 10.17 -9.79 -29.60
CA GLN B 215 11.48 -9.26 -29.26
C GLN B 215 12.31 -9.09 -30.52
N ALA B 216 12.37 -10.16 -31.33
CA ALA B 216 13.22 -10.14 -32.50
C ALA B 216 12.73 -9.09 -33.51
N GLU B 217 11.44 -8.75 -33.50
CA GLU B 217 10.93 -7.80 -34.48
C GLU B 217 10.95 -6.38 -33.91
N GLY B 218 11.58 -6.17 -32.76
CA GLY B 218 11.74 -4.83 -32.18
C GLY B 218 10.49 -4.28 -31.47
N LYS B 219 9.46 -5.13 -31.22
CA LYS B 219 8.20 -4.69 -30.65
C LYS B 219 8.35 -4.12 -29.24
N PHE B 220 9.40 -4.54 -28.51
CA PHE B 220 9.64 -4.06 -27.16
C PHE B 220 10.67 -2.92 -27.12
N ASP B 221 11.21 -2.50 -28.26
CA ASP B 221 12.36 -1.62 -28.22
C ASP B 221 12.00 -0.28 -27.57
N ALA B 222 10.90 0.34 -28.03
CA ALA B 222 10.55 1.69 -27.58
C ALA B 222 10.16 1.71 -26.10
N GLN B 223 9.36 0.72 -25.67
CA GLN B 223 8.84 0.74 -24.31
C GLN B 223 9.93 0.48 -23.28
N ILE B 224 11.00 -0.27 -23.63
CA ILE B 224 12.05 -0.58 -22.67
C ILE B 224 12.92 0.66 -22.41
N ALA B 225 13.21 0.86 -21.14
CA ALA B 225 14.20 1.79 -20.65
C ALA B 225 15.43 0.98 -20.25
N PRO B 226 16.61 1.21 -20.86
CA PRO B 226 17.80 0.45 -20.48
C PRO B 226 18.29 0.71 -19.06
N VAL B 227 18.81 -0.34 -18.43
CA VAL B 227 19.38 -0.36 -17.10
C VAL B 227 20.91 -0.52 -17.19
N THR B 228 21.64 0.49 -16.72
CA THR B 228 23.09 0.46 -16.71
C THR B 228 23.52 -0.03 -15.36
N ILE B 229 24.32 -1.10 -15.36
CA ILE B 229 24.85 -1.61 -14.11
C ILE B 229 26.30 -1.14 -13.98
N HIS B 230 26.51 -0.19 -13.05
CA HIS B 230 27.84 0.26 -12.65
C HIS B 230 28.40 -0.64 -11.54
N ASP B 236 31.07 -1.46 -16.45
CA ASP B 236 29.66 -1.10 -16.74
C ASP B 236 29.08 -2.01 -17.82
N ILE B 237 27.81 -2.37 -17.64
CA ILE B 237 27.08 -3.19 -18.58
C ILE B 237 25.70 -2.57 -18.70
N VAL B 238 25.23 -2.42 -19.94
CA VAL B 238 23.93 -1.84 -20.24
C VAL B 238 23.00 -2.97 -20.67
N ILE B 239 21.93 -3.19 -19.90
CA ILE B 239 21.01 -4.28 -20.14
C ILE B 239 19.79 -3.72 -20.86
N THR B 240 19.46 -4.30 -22.04
CA THR B 240 18.33 -3.85 -22.83
C THR B 240 17.32 -4.98 -23.07
N LYS B 241 17.64 -6.24 -22.75
CA LYS B 241 16.82 -7.35 -23.24
C LYS B 241 16.13 -8.08 -22.11
N ASP B 242 14.86 -8.44 -22.34
CA ASP B 242 14.10 -9.33 -21.50
C ASP B 242 14.76 -10.70 -21.52
N GLU B 243 15.27 -11.19 -20.38
CA GLU B 243 16.17 -12.33 -20.43
C GLU B 243 15.48 -13.67 -20.17
N HIS B 244 14.17 -13.68 -19.87
CA HIS B 244 13.49 -14.91 -19.47
C HIS B 244 12.95 -15.66 -20.68
N ILE B 245 12.83 -14.99 -21.84
CA ILE B 245 12.21 -15.63 -23.01
C ILE B 245 13.02 -16.87 -23.37
N ARG B 246 12.34 -17.96 -23.75
CA ARG B 246 12.99 -19.18 -24.22
C ARG B 246 12.54 -19.49 -25.65
N PRO B 247 13.25 -18.99 -26.69
CA PRO B 247 12.83 -19.19 -28.07
C PRO B 247 12.98 -20.64 -28.53
N GLU B 248 13.74 -21.44 -27.78
CA GLU B 248 13.97 -22.82 -28.15
C GLU B 248 12.85 -23.71 -27.60
N THR B 249 11.81 -23.10 -27.01
CA THR B 249 10.74 -23.88 -26.41
C THR B 249 10.01 -24.71 -27.46
N THR B 250 9.72 -25.98 -27.15
CA THR B 250 8.96 -26.84 -28.05
C THR B 250 7.82 -27.52 -27.30
N LEU B 251 6.80 -27.95 -28.05
CA LEU B 251 5.70 -28.69 -27.44
C LEU B 251 6.18 -29.98 -26.80
N GLU B 252 7.18 -30.62 -27.43
CA GLU B 252 7.72 -31.88 -26.96
C GLU B 252 8.59 -31.65 -25.73
N GLY B 253 9.40 -30.59 -25.77
CA GLY B 253 10.23 -30.21 -24.64
C GLY B 253 9.41 -30.01 -23.37
N LEU B 254 8.29 -29.28 -23.50
CA LEU B 254 7.38 -28.98 -22.40
C LEU B 254 6.76 -30.26 -21.85
N ALA B 255 6.43 -31.20 -22.75
CA ALA B 255 5.74 -32.43 -22.37
C ALA B 255 6.64 -33.33 -21.51
N LYS B 256 7.96 -33.20 -21.66
CA LYS B 256 8.92 -33.98 -20.90
C LYS B 256 9.02 -33.50 -19.45
N LEU B 257 8.75 -32.20 -19.18
CA LEU B 257 9.03 -31.59 -17.89
C LEU B 257 8.24 -32.28 -16.79
N LYS B 258 8.82 -32.28 -15.58
CA LYS B 258 8.23 -32.90 -14.40
C LYS B 258 7.35 -31.85 -13.72
N PRO B 259 6.20 -32.22 -13.11
CA PRO B 259 5.38 -31.27 -12.36
C PRO B 259 6.23 -30.57 -11.31
N ALA B 260 5.77 -29.39 -10.87
CA ALA B 260 6.55 -28.54 -10.00
C ALA B 260 5.93 -28.41 -8.62
N PHE B 261 4.63 -28.69 -8.48
CA PHE B 261 3.90 -28.35 -7.27
C PHE B 261 3.16 -29.56 -6.68
N THR B 262 2.72 -30.51 -7.52
CA THR B 262 2.08 -31.71 -7.03
C THR B 262 2.61 -32.93 -7.80
N LYS B 263 2.73 -34.07 -7.11
CA LYS B 263 3.12 -35.31 -7.77
C LYS B 263 1.96 -35.69 -8.70
N ASP B 264 2.30 -36.05 -9.95
CA ASP B 264 1.29 -36.36 -10.95
C ASP B 264 0.45 -35.10 -11.25
N GLY B 265 1.10 -33.93 -11.15
CA GLY B 265 0.49 -32.65 -11.44
C GLY B 265 0.53 -32.32 -12.94
N THR B 266 -0.09 -31.19 -13.29
CA THR B 266 -0.13 -30.70 -14.66
C THR B 266 0.77 -29.47 -14.79
N VAL B 267 1.02 -28.77 -13.68
CA VAL B 267 1.73 -27.51 -13.72
C VAL B 267 3.23 -27.76 -13.58
N THR B 268 4.01 -27.19 -14.50
CA THR B 268 5.45 -27.32 -14.54
C THR B 268 6.09 -25.93 -14.57
N ALA B 269 7.41 -25.91 -14.61
CA ALA B 269 8.16 -24.66 -14.74
C ALA B 269 8.03 -24.09 -16.14
N GLY B 270 7.65 -24.95 -17.09
CA GLY B 270 7.57 -24.56 -18.48
C GLY B 270 6.24 -23.89 -18.80
N ASN B 271 5.24 -24.12 -17.95
CA ASN B 271 3.91 -23.59 -18.17
C ASN B 271 3.41 -22.74 -17.00
N ALA B 272 4.29 -22.42 -16.03
CA ALA B 272 4.00 -21.46 -14.98
C ALA B 272 4.75 -20.17 -15.28
N SER B 273 4.29 -19.06 -14.70
CA SER B 273 5.02 -17.81 -14.84
C SER B 273 6.42 -17.97 -14.25
N GLY B 274 7.36 -17.15 -14.73
CA GLY B 274 8.66 -17.01 -14.10
C GLY B 274 8.62 -16.17 -12.81
N ILE B 275 9.71 -16.31 -12.04
CA ILE B 275 10.06 -15.44 -10.92
C ILE B 275 11.06 -14.44 -11.48
N ASN B 276 10.79 -13.12 -11.37
CA ASN B 276 11.56 -12.13 -12.10
C ASN B 276 11.69 -10.78 -11.36
N ASP B 277 12.52 -9.92 -11.95
CA ASP B 277 12.89 -8.60 -11.48
C ASP B 277 12.65 -7.56 -12.58
N ALA B 278 11.89 -6.51 -12.25
CA ALA B 278 11.69 -5.38 -13.14
C ALA B 278 10.97 -4.25 -12.44
N ALA B 279 10.87 -3.11 -13.16
CA ALA B 279 10.01 -2.01 -12.71
C ALA B 279 9.34 -1.38 -13.92
N CYS B 280 8.33 -0.57 -13.64
CA CYS B 280 7.52 0.03 -14.68
C CYS B 280 6.80 1.21 -14.06
N ALA B 281 6.66 2.28 -14.85
CA ALA B 281 6.07 3.52 -14.39
C ALA B 281 5.30 4.18 -15.53
N LEU B 282 4.25 4.93 -15.18
CA LEU B 282 3.46 5.67 -16.17
C LEU B 282 3.19 7.06 -15.59
N VAL B 283 3.16 8.08 -16.46
CA VAL B 283 2.71 9.40 -16.05
C VAL B 283 1.24 9.56 -16.44
N LEU B 284 0.42 9.84 -15.41
CA LEU B 284 -0.98 10.20 -15.62
C LEU B 284 -1.15 11.70 -15.41
N MET B 285 -2.16 12.23 -16.10
CA MET B 285 -2.45 13.67 -16.07
C MET B 285 -3.93 13.90 -16.30
N SER B 286 -4.44 15.05 -15.81
CA SER B 286 -5.73 15.54 -16.25
C SER B 286 -5.62 15.99 -17.71
N LYS B 287 -6.77 15.98 -18.40
CA LYS B 287 -6.84 16.44 -19.79
C LYS B 287 -6.41 17.90 -19.83
N LYS B 288 -6.89 18.69 -18.86
CA LYS B 288 -6.67 20.12 -18.81
C LYS B 288 -5.20 20.46 -18.56
N LYS B 289 -4.55 19.67 -17.70
CA LYS B 289 -3.15 19.86 -17.42
C LYS B 289 -2.29 19.51 -18.63
N ALA B 290 -2.71 18.47 -19.36
CA ALA B 290 -1.92 18.01 -20.49
C ALA B 290 -1.94 19.10 -21.56
N GLU B 291 -3.12 19.71 -21.73
CA GLU B 291 -3.40 20.77 -22.70
C GLU B 291 -2.55 22.00 -22.36
N GLU B 292 -2.47 22.29 -21.05
CA GLU B 292 -1.78 23.45 -20.54
C GLU B 292 -0.28 23.33 -20.79
N LEU B 293 0.25 22.10 -20.69
CA LEU B 293 1.68 21.86 -20.82
C LEU B 293 2.08 21.52 -22.26
N GLY B 294 1.08 21.35 -23.14
CA GLY B 294 1.30 20.95 -24.52
C GLY B 294 1.85 19.53 -24.61
N ILE B 295 1.36 18.65 -23.72
CA ILE B 295 1.71 17.24 -23.72
C ILE B 295 0.59 16.46 -24.40
N LYS B 296 0.94 15.66 -25.41
CA LYS B 296 -0.05 14.91 -26.14
C LYS B 296 -0.49 13.70 -25.33
N PRO B 297 -1.81 13.52 -25.07
CA PRO B 297 -2.32 12.34 -24.40
C PRO B 297 -2.16 11.12 -25.28
N ILE B 298 -1.68 10.00 -24.70
CA ILE B 298 -1.61 8.74 -25.41
C ILE B 298 -2.94 8.01 -25.33
N ALA B 299 -3.48 7.85 -24.12
CA ALA B 299 -4.72 7.09 -23.93
C ALA B 299 -5.52 7.72 -22.79
N GLU B 300 -6.84 7.58 -22.82
CA GLU B 300 -7.62 7.86 -21.62
C GLU B 300 -7.77 6.57 -20.81
N ILE B 301 -7.76 6.70 -19.48
CA ILE B 301 -8.28 5.65 -18.60
C ILE B 301 -9.79 5.86 -18.43
N LEU B 302 -10.57 4.80 -18.73
CA LEU B 302 -12.02 4.89 -18.74
C LEU B 302 -12.57 4.47 -17.39
N ASP B 303 -12.05 3.37 -16.84
CA ASP B 303 -12.49 2.88 -15.55
C ASP B 303 -11.62 1.69 -15.15
N TRP B 304 -12.00 1.10 -14.01
CA TRP B 304 -11.23 0.06 -13.33
C TRP B 304 -12.21 -0.78 -12.50
N ALA B 305 -11.83 -1.99 -12.12
CA ALA B 305 -12.58 -2.73 -11.11
C ALA B 305 -11.67 -3.72 -10.41
N SER B 306 -12.03 -4.05 -9.14
CA SER B 306 -11.43 -5.20 -8.46
C SER B 306 -12.55 -6.08 -7.92
N ALA B 307 -12.22 -7.34 -7.76
CA ALA B 307 -13.12 -8.36 -7.28
C ALA B 307 -12.34 -9.48 -6.60
N GLY B 308 -13.00 -10.11 -5.63
CA GLY B 308 -12.45 -11.22 -4.89
C GLY B 308 -13.06 -12.55 -5.31
N VAL B 309 -12.28 -13.60 -5.09
CA VAL B 309 -12.68 -14.97 -5.42
C VAL B 309 -12.20 -15.89 -4.30
N GLU B 310 -12.59 -17.17 -4.38
CA GLU B 310 -12.04 -18.18 -3.49
C GLU B 310 -10.52 -18.24 -3.60
N PRO B 311 -9.73 -18.01 -2.53
CA PRO B 311 -8.26 -18.18 -2.61
C PRO B 311 -7.70 -19.43 -3.25
N ALA B 312 -8.39 -20.57 -3.10
CA ALA B 312 -7.90 -21.83 -3.65
C ALA B 312 -7.91 -21.84 -5.19
N ILE B 313 -8.73 -20.98 -5.79
CA ILE B 313 -8.77 -20.81 -7.22
C ILE B 313 -8.52 -19.35 -7.60
N MET B 314 -7.52 -18.73 -6.96
CA MET B 314 -7.28 -17.30 -7.11
C MET B 314 -7.07 -16.91 -8.58
N GLY B 315 -6.65 -17.85 -9.43
CA GLY B 315 -6.47 -17.64 -10.86
C GLY B 315 -7.71 -17.14 -11.62
N THR B 316 -8.88 -17.44 -11.07
CA THR B 316 -10.16 -16.99 -11.62
C THR B 316 -10.45 -15.52 -11.37
N GLY B 317 -9.58 -14.80 -10.62
CA GLY B 317 -9.93 -13.44 -10.22
C GLY B 317 -10.31 -12.53 -11.41
N PRO B 318 -9.56 -12.59 -12.53
CA PRO B 318 -9.85 -11.74 -13.69
C PRO B 318 -11.28 -11.83 -14.19
N ILE B 319 -11.94 -12.97 -13.95
CA ILE B 319 -13.26 -13.16 -14.52
C ILE B 319 -14.28 -12.20 -13.89
N PRO B 320 -14.53 -12.17 -12.55
CA PRO B 320 -15.41 -11.18 -11.94
C PRO B 320 -14.89 -9.75 -12.05
N ALA B 321 -13.57 -9.60 -12.06
CA ALA B 321 -13.00 -8.26 -12.16
C ALA B 321 -13.36 -7.64 -13.51
N CYS B 322 -13.15 -8.40 -14.58
CA CYS B 322 -13.52 -7.98 -15.93
C CYS B 322 -15.04 -7.78 -16.04
N HIS B 323 -15.85 -8.75 -15.57
CA HIS B 323 -17.30 -8.58 -15.62
C HIS B 323 -17.72 -7.26 -14.96
N LYS B 324 -17.16 -6.97 -13.78
CA LYS B 324 -17.55 -5.78 -13.06
C LYS B 324 -17.17 -4.55 -13.89
N LEU B 325 -15.98 -4.60 -14.50
CA LEU B 325 -15.50 -3.50 -15.33
C LEU B 325 -16.42 -3.31 -16.54
N PHE B 326 -16.89 -4.42 -17.11
CA PHE B 326 -17.82 -4.37 -18.23
C PHE B 326 -19.15 -3.71 -17.80
N LYS B 327 -19.67 -4.03 -16.60
CA LYS B 327 -20.92 -3.43 -16.19
C LYS B 327 -20.73 -1.95 -15.94
N LYS B 328 -19.58 -1.54 -15.40
CA LYS B 328 -19.37 -0.12 -15.11
C LYS B 328 -19.24 0.74 -16.38
N THR B 329 -18.78 0.14 -17.49
CA THR B 329 -18.32 0.86 -18.67
C THR B 329 -19.27 0.67 -19.87
N GLY B 330 -20.07 -0.39 -19.85
CA GLY B 330 -20.91 -0.80 -20.96
C GLY B 330 -20.11 -1.43 -22.09
N LEU B 331 -18.86 -1.81 -21.83
CA LEU B 331 -18.06 -2.53 -22.81
C LEU B 331 -18.25 -4.03 -22.65
N LYS B 332 -17.95 -4.76 -23.71
CA LYS B 332 -17.88 -6.22 -23.66
C LYS B 332 -16.50 -6.66 -24.15
N MET B 333 -16.18 -7.92 -23.90
CA MET B 333 -14.84 -8.43 -24.20
C MET B 333 -14.50 -8.20 -25.69
N GLU B 334 -15.48 -8.42 -26.57
CA GLU B 334 -15.23 -8.36 -27.99
C GLU B 334 -15.02 -6.92 -28.46
N ASP B 335 -15.31 -5.91 -27.62
CA ASP B 335 -15.04 -4.52 -27.96
C ASP B 335 -13.57 -4.15 -27.85
N PHE B 336 -12.75 -4.99 -27.20
CA PHE B 336 -11.36 -4.61 -26.98
C PHE B 336 -10.48 -4.97 -28.18
N GLU B 337 -9.66 -4.02 -28.61
CA GLU B 337 -8.82 -4.20 -29.79
C GLU B 337 -7.65 -5.12 -29.41
N LEU B 338 -7.13 -4.91 -28.21
CA LEU B 338 -6.10 -5.78 -27.67
C LEU B 338 -6.41 -6.01 -26.17
N VAL B 339 -5.97 -7.14 -25.67
CA VAL B 339 -6.18 -7.49 -24.27
C VAL B 339 -4.93 -8.08 -23.63
N GLU B 340 -4.58 -7.61 -22.43
CA GLU B 340 -3.53 -8.22 -21.63
C GLU B 340 -4.16 -8.89 -20.42
N LEU B 341 -4.04 -10.20 -20.32
CA LEU B 341 -4.52 -10.94 -19.17
C LEU B 341 -3.31 -11.75 -18.72
N ASN B 342 -2.72 -11.33 -17.62
CA ASN B 342 -1.46 -11.94 -17.23
C ASN B 342 -1.47 -13.42 -17.08
N GLU B 343 -0.46 -14.04 -17.67
CA GLU B 343 -0.28 -15.44 -17.52
C GLU B 343 0.47 -15.79 -16.23
N ALA B 344 -0.22 -15.89 -15.12
CA ALA B 344 0.43 -16.35 -13.90
C ALA B 344 0.69 -17.85 -14.06
N PHE B 345 -0.32 -18.61 -14.49
CA PHE B 345 -0.14 -20.00 -14.88
C PHE B 345 -0.94 -20.27 -16.16
N ALA B 346 -0.43 -21.14 -17.04
CA ALA B 346 -1.17 -21.47 -18.24
C ALA B 346 -2.56 -22.01 -17.87
N ALA B 347 -2.70 -22.82 -16.80
CA ALA B 347 -4.03 -23.29 -16.40
C ALA B 347 -4.97 -22.13 -16.12
N GLN B 348 -4.46 -21.13 -15.39
CA GLN B 348 -5.20 -19.92 -15.07
C GLN B 348 -5.56 -19.15 -16.33
N ALA B 349 -4.56 -18.85 -17.18
CA ALA B 349 -4.76 -17.99 -18.33
C ALA B 349 -5.75 -18.62 -19.31
N VAL B 350 -5.65 -19.92 -19.52
CA VAL B 350 -6.55 -20.60 -20.43
C VAL B 350 -7.98 -20.53 -19.89
N TYR B 351 -8.21 -20.85 -18.60
CA TYR B 351 -9.54 -20.80 -18.01
C TYR B 351 -10.13 -19.39 -18.13
N CYS B 352 -9.35 -18.36 -17.75
CA CYS B 352 -9.83 -16.98 -17.79
C CYS B 352 -10.23 -16.61 -19.22
N CYS B 353 -9.35 -16.89 -20.17
CA CYS B 353 -9.63 -16.59 -21.57
C CYS B 353 -10.87 -17.36 -22.09
N GLN B 354 -11.04 -18.64 -21.73
CA GLN B 354 -12.22 -19.39 -22.13
C GLN B 354 -13.49 -18.72 -21.59
N GLN B 355 -13.53 -18.44 -20.28
CA GLN B 355 -14.75 -17.95 -19.66
C GLN B 355 -15.08 -16.54 -20.11
N LEU B 356 -14.07 -15.70 -20.42
CA LEU B 356 -14.37 -14.34 -20.87
C LEU B 356 -14.59 -14.27 -22.37
N GLY B 357 -14.34 -15.36 -23.10
CA GLY B 357 -14.56 -15.32 -24.54
C GLY B 357 -13.49 -14.49 -25.26
N ALA B 358 -12.27 -14.53 -24.74
CA ALA B 358 -11.14 -13.86 -25.35
C ALA B 358 -10.89 -14.39 -26.75
N ASP B 359 -10.57 -13.47 -27.65
CA ASP B 359 -9.96 -13.77 -28.94
C ASP B 359 -8.45 -13.88 -28.77
N MET B 360 -7.88 -15.07 -28.97
CA MET B 360 -6.48 -15.28 -28.66
C MET B 360 -5.57 -14.59 -29.68
N SER B 361 -6.13 -14.21 -30.84
CA SER B 361 -5.40 -13.36 -31.77
C SER B 361 -5.39 -11.89 -31.33
N LYS B 362 -6.09 -11.55 -30.23
CA LYS B 362 -6.07 -10.19 -29.70
C LYS B 362 -5.63 -10.14 -28.23
N THR B 363 -5.23 -11.27 -27.67
CA THR B 363 -4.97 -11.42 -26.25
C THR B 363 -3.54 -11.91 -26.06
N ASN B 364 -2.76 -11.18 -25.25
CA ASN B 364 -1.38 -11.55 -24.95
C ASN B 364 -0.63 -11.81 -26.25
N ILE B 365 -0.64 -10.83 -27.15
CA ILE B 365 -0.09 -11.05 -28.48
C ILE B 365 1.44 -11.18 -28.49
N TYR B 366 2.13 -10.62 -27.48
CA TYR B 366 3.59 -10.61 -27.45
C TYR B 366 4.11 -11.45 -26.28
N GLY B 367 3.32 -12.45 -25.83
CA GLY B 367 3.69 -13.22 -24.65
C GLY B 367 3.29 -12.51 -23.36
N SER B 368 3.58 -13.14 -22.22
CA SER B 368 3.18 -12.64 -20.92
C SER B 368 4.00 -13.36 -19.85
N GLY B 369 3.39 -13.56 -18.70
CA GLY B 369 4.07 -13.99 -17.49
C GLY B 369 4.97 -15.23 -17.69
N ILE B 370 4.54 -16.18 -18.55
CA ILE B 370 5.26 -17.44 -18.78
C ILE B 370 6.60 -17.20 -19.48
N SER B 371 6.55 -16.35 -20.53
CA SER B 371 7.66 -16.07 -21.41
C SER B 371 8.48 -14.87 -20.93
N LEU B 372 7.86 -13.70 -20.84
CA LEU B 372 8.54 -12.47 -20.45
C LEU B 372 8.92 -12.47 -18.98
N GLY B 373 8.14 -13.19 -18.16
CA GLY B 373 8.31 -13.17 -16.70
C GLY B 373 7.26 -12.36 -15.93
N HIS B 374 7.32 -12.48 -14.60
CA HIS B 374 6.26 -12.00 -13.74
C HIS B 374 6.85 -11.46 -12.46
N PRO B 375 7.49 -10.29 -12.51
CA PRO B 375 7.89 -9.64 -11.28
C PRO B 375 6.68 -9.03 -10.60
N VAL B 376 6.30 -9.59 -9.44
CA VAL B 376 4.89 -9.58 -9.04
C VAL B 376 4.32 -8.16 -8.80
N GLY B 377 5.04 -7.26 -8.13
CA GLY B 377 4.57 -5.89 -7.89
C GLY B 377 4.61 -4.97 -9.10
N CYS B 378 5.35 -5.38 -10.13
CA CYS B 378 5.57 -4.65 -11.35
C CYS B 378 4.59 -5.04 -12.45
N SER B 379 4.19 -6.32 -12.52
CA SER B 379 3.55 -6.84 -13.71
C SER B 379 2.25 -6.11 -14.04
N GLY B 380 1.51 -5.66 -13.04
CA GLY B 380 0.26 -4.97 -13.31
C GLY B 380 0.42 -3.70 -14.13
N ALA B 381 1.45 -2.90 -13.80
CA ALA B 381 1.81 -1.73 -14.61
C ALA B 381 2.50 -2.14 -15.92
N ARG B 382 3.32 -3.20 -15.88
CA ARG B 382 4.04 -3.68 -17.05
C ARG B 382 3.07 -4.08 -18.18
N ILE B 383 2.08 -4.92 -17.91
CA ILE B 383 1.14 -5.32 -18.96
C ILE B 383 0.38 -4.11 -19.54
N LEU B 384 0.07 -3.10 -18.71
CA LEU B 384 -0.59 -1.91 -19.21
C LEU B 384 0.36 -1.17 -20.17
N THR B 385 1.65 -1.14 -19.82
CA THR B 385 2.67 -0.50 -20.67
C THR B 385 2.82 -1.22 -22.01
N THR B 386 2.86 -2.55 -22.01
CA THR B 386 2.96 -3.36 -23.22
C THR B 386 1.71 -3.17 -24.09
N LEU B 387 0.52 -3.19 -23.46
CA LEU B 387 -0.73 -2.90 -24.16
C LEU B 387 -0.73 -1.54 -24.86
N LEU B 388 -0.33 -0.51 -24.12
CA LEU B 388 -0.33 0.85 -24.61
C LEU B 388 0.58 0.99 -25.85
N TYR B 389 1.81 0.52 -25.73
CA TYR B 389 2.71 0.55 -26.90
C TYR B 389 2.18 -0.32 -28.03
N ALA B 390 1.62 -1.51 -27.77
CA ALA B 390 1.09 -2.32 -28.85
C ALA B 390 -0.01 -1.59 -29.63
N LEU B 391 -0.95 -0.99 -28.88
CA LEU B 391 -2.08 -0.27 -29.48
C LEU B 391 -1.65 1.02 -30.19
N ALA B 392 -0.47 1.55 -29.84
CA ALA B 392 0.04 2.81 -30.36
C ALA B 392 0.76 2.62 -31.70
N GLU B 393 1.06 1.34 -32.03
CA GLU B 393 1.80 0.99 -33.22
C GLU B 393 1.03 1.46 -34.45
N PRO B 394 1.73 1.92 -35.50
CA PRO B 394 1.06 2.17 -36.78
C PRO B 394 0.39 0.91 -37.33
N GLY B 395 -0.84 1.08 -37.82
CA GLY B 395 -1.63 0.00 -38.37
C GLY B 395 -2.69 -0.55 -37.41
N ARG B 396 -2.64 -0.11 -36.16
CA ARG B 396 -3.68 -0.50 -35.22
C ARG B 396 -4.87 0.44 -35.42
N ASN B 397 -5.86 0.05 -36.22
CA ASN B 397 -7.00 0.90 -36.46
C ASN B 397 -8.28 0.14 -36.13
N GLY B 398 -8.20 -0.69 -35.09
CA GLY B 398 -9.37 -1.32 -34.52
C GLY B 398 -10.20 -0.36 -33.66
N SER B 399 -10.89 -0.94 -32.66
CA SER B 399 -11.79 -0.19 -31.81
C SER B 399 -11.07 0.89 -30.99
N ARG B 400 -9.77 0.70 -30.74
CA ARG B 400 -8.92 1.56 -29.92
C ARG B 400 -9.11 1.35 -28.40
N TYR B 401 -9.95 0.40 -28.00
CA TYR B 401 -10.10 0.06 -26.60
C TYR B 401 -9.10 -1.03 -26.19
N GLY B 402 -8.51 -0.90 -25.00
CA GLY B 402 -7.60 -1.90 -24.46
C GLY B 402 -8.03 -2.36 -23.05
N LEU B 403 -7.80 -3.64 -22.74
CA LEU B 403 -8.13 -4.20 -21.41
C LEU B 403 -6.89 -4.81 -20.81
N ALA B 404 -6.69 -4.54 -19.50
CA ALA B 404 -5.59 -5.15 -18.75
C ALA B 404 -6.21 -5.73 -17.48
N SER B 405 -5.80 -6.94 -17.11
CA SER B 405 -6.33 -7.61 -15.94
C SER B 405 -5.35 -8.68 -15.46
N LEU B 406 -5.24 -8.87 -14.13
CA LEU B 406 -4.52 -10.03 -13.63
C LEU B 406 -5.10 -10.59 -12.32
N CYS B 407 -4.76 -11.88 -12.10
CA CYS B 407 -5.10 -12.62 -10.92
C CYS B 407 -4.14 -12.28 -9.79
N ILE B 408 -4.56 -12.63 -8.58
CA ILE B 408 -3.95 -12.12 -7.37
C ILE B 408 -4.10 -13.17 -6.27
N GLY B 409 -2.97 -13.56 -5.65
CA GLY B 409 -2.99 -14.50 -4.55
C GLY B 409 -3.91 -13.99 -3.45
N GLY B 410 -4.51 -14.94 -2.71
CA GLY B 410 -5.54 -14.62 -1.76
C GLY B 410 -6.92 -14.52 -2.40
N GLY B 411 -6.98 -14.68 -3.73
CA GLY B 411 -8.23 -14.74 -4.46
C GLY B 411 -8.73 -13.35 -4.84
N GLN B 412 -8.01 -12.63 -5.74
CA GLN B 412 -8.57 -11.39 -6.23
C GLN B 412 -8.22 -11.24 -7.70
N GLY B 413 -8.88 -10.28 -8.32
CA GLY B 413 -8.48 -9.81 -9.65
C GLY B 413 -8.60 -8.29 -9.73
N THR B 414 -7.85 -7.69 -10.68
CA THR B 414 -8.01 -6.27 -10.89
C THR B 414 -7.87 -6.02 -12.40
N ALA B 415 -8.57 -5.01 -12.87
CA ALA B 415 -8.63 -4.72 -14.29
C ALA B 415 -8.75 -3.23 -14.56
N VAL B 416 -8.32 -2.79 -15.77
CA VAL B 416 -8.41 -1.40 -16.19
C VAL B 416 -8.74 -1.38 -17.70
N ALA B 417 -9.64 -0.47 -18.08
CA ALA B 417 -9.97 -0.20 -19.48
C ALA B 417 -9.40 1.15 -19.90
N ILE B 418 -8.90 1.19 -21.16
CA ILE B 418 -8.34 2.39 -21.75
C ILE B 418 -8.88 2.54 -23.16
N LYS B 419 -8.79 3.77 -23.65
CA LYS B 419 -9.05 4.04 -25.06
C LYS B 419 -7.98 4.96 -25.60
N MET B 420 -7.33 4.51 -26.68
CA MET B 420 -6.25 5.29 -27.25
C MET B 420 -6.84 6.60 -27.77
N CYS B 421 -6.02 7.64 -27.78
CA CYS B 421 -6.48 8.95 -28.21
C CYS B 421 -6.25 9.14 -29.72
N LEU B 422 -5.12 8.58 -30.20
CA LEU B 422 -4.56 8.85 -31.52
C LEU B 422 -4.17 10.33 -31.63
N1A COA C . 9.02 8.92 33.10
C2A COA C . 10.15 8.41 33.58
N3A COA C . 11.01 7.56 33.00
C4A COA C . 10.60 7.21 31.77
C5A COA C . 9.45 7.66 31.14
C6A COA C . 8.63 8.56 31.85
N6A COA C . 7.49 9.08 31.38
N7A COA C . 9.37 7.07 29.88
C8A COA C . 10.43 6.31 29.78
N9A COA C . 11.22 6.35 30.90
C1B COA C . 12.49 5.66 31.19
C2B COA C . 12.36 4.42 32.07
O2B COA C . 13.40 4.43 33.04
C3B COA C . 12.55 3.26 31.09
O3B COA C . 13.15 2.13 31.71
P3B COA C . 12.11 1.24 32.59
O7A COA C . 11.88 -0.04 31.79
O8A COA C . 12.84 0.95 33.89
O9A COA C . 10.82 2.02 32.82
C4B COA C . 13.51 3.87 30.07
O4B COA C . 13.11 5.26 30.00
C5B COA C . 13.42 3.26 28.70
O5B COA C . 12.04 3.42 28.24
P1A COA C . 11.23 2.29 27.43
O1A COA C . 9.78 2.64 27.55
O2A COA C . 11.69 0.93 27.87
O3A COA C . 11.83 2.60 25.98
P2A COA C . 12.99 1.95 25.08
O4A COA C . 14.34 2.23 25.67
O5A COA C . 12.60 0.54 24.77
O6A COA C . 12.80 2.83 23.76
CBP COA C . 12.97 4.88 22.44
CCP COA C . 12.84 4.29 23.84
CDP COA C . 12.94 6.40 22.55
CEP COA C . 14.30 4.44 21.82
CAP COA C . 11.78 4.41 21.58
OAP COA C . 10.62 4.62 22.35
C9P COA C . 11.63 5.10 20.24
O9P COA C . 12.43 4.88 19.32
N8P COA C . 10.59 5.95 20.12
C7P COA C . 10.31 6.68 18.90
C6P COA C . 9.57 5.84 17.90
C5P COA C . 9.48 6.44 16.52
O5P COA C . 10.47 6.94 15.99
N4P COA C . 8.31 6.37 15.88
C3P COA C . 8.10 6.95 14.57
C2P COA C . 7.79 8.44 14.67
S1P COA C . 7.49 9.19 13.05
C ACT D . 7.24 6.72 10.58
O ACT D . 6.61 6.02 11.39
OXT ACT D . 6.73 7.57 9.83
CH3 ACT D . 8.76 6.45 10.47
N1A COA E . 11.39 -25.33 -21.93
C2A COA E . 12.12 -26.33 -21.41
N3A COA E . 12.53 -26.50 -20.15
C4A COA E . 12.10 -25.50 -19.36
C5A COA E . 11.36 -24.40 -19.73
C6A COA E . 11.00 -24.32 -21.10
N6A COA E . 10.28 -23.32 -21.62
N7A COA E . 11.12 -23.58 -18.63
C8A COA E . 11.71 -24.18 -17.63
N9A COA E . 12.34 -25.35 -18.02
C1B COA E . 13.07 -26.30 -17.19
C2B COA E . 14.59 -26.16 -17.26
O2B COA E . 15.19 -27.42 -17.52
C3B COA E . 14.99 -25.64 -15.88
O3B COA E . 16.14 -26.30 -15.37
P3B COA E . 17.50 -25.95 -16.19
O7A COA E . 17.80 -27.17 -17.04
O8A COA E . 17.22 -24.70 -17.04
O9A COA E . 18.56 -25.71 -15.13
C4B COA E . 13.80 -25.97 -14.99
O4B COA E . 12.66 -26.12 -15.86
C5B COA E . 13.49 -24.92 -13.96
O5B COA E . 13.40 -23.63 -14.62
P1A COA E . 13.87 -22.29 -13.85
O1A COA E . 13.61 -21.10 -14.73
O2A COA E . 15.22 -22.50 -13.25
O3A COA E . 12.80 -22.27 -12.65
P2A COA E . 12.77 -22.57 -11.08
O4A COA E . 13.65 -21.60 -10.35
O5A COA E . 12.90 -24.04 -10.90
O6A COA E . 11.28 -22.08 -10.72
CBP COA E . 8.90 -22.44 -10.40
CCP COA E . 10.17 -22.92 -11.10
CDP COA E . 7.71 -23.01 -11.16
CEP COA E . 8.89 -22.96 -8.96
CAP COA E . 8.85 -20.90 -10.38
OAP COA E . 9.06 -20.32 -11.66
C9P COA E . 7.52 -20.41 -9.85
O9P COA E . 7.20 -20.65 -8.68
N8P COA E . 6.75 -19.74 -10.69
C7P COA E . 5.45 -19.20 -10.34
C6P COA E . 5.58 -17.82 -9.73
C5P COA E . 4.27 -17.32 -9.17
O5P COA E . 3.55 -18.09 -8.53
N4P COA E . 3.97 -16.03 -9.32
C3P COA E . 2.75 -15.43 -8.78
C2P COA E . 1.51 -15.86 -9.54
S1P COA E . -0.05 -15.02 -9.11
C ACT F . 0.66 -13.00 -6.43
O ACT F . -0.45 -12.55 -6.70
OXT ACT F . 1.76 -12.52 -6.86
CH3 ACT F . 0.71 -14.13 -5.37
#